data_2PJ8
#
_entry.id   2PJ8
#
_cell.length_a   66.588
_cell.length_b   95.472
_cell.length_c   135.819
_cell.angle_alpha   90.00
_cell.angle_beta   90.00
_cell.angle_gamma   90.00
#
_symmetry.space_group_name_H-M   'P 21 21 21'
#
loop_
_entity.id
_entity.type
_entity.pdbx_description
1 polymer 'Carboxypeptidase B'
2 non-polymer 'ZINC ION'
3 non-polymer '(2S)-2-[3-(AMINOMETHYL)PHENYL]-3-[(R)-{(1R)-1-[(BIPHENYL-4-YLSULFONYL)AMINO]-2-METHYLPROPYL}(HYDROXY)PHOSPHORYL]PROPANOIC ACID'
4 water water
#
_entity_poly.entity_id   1
_entity_poly.type   'polypeptide(L)'
_entity_poly.pdbx_seq_one_letter_code
;TTGHSYEKYNNWETIEAWTKQVTSENPDLISRTAIGTTFLGNNIYLLKVGKPGPNKPAIFMDCGFHAREWISHAFCQWFV
REAVLTYGYESHMTEFLNKLDFYVLPVLNIDGYIYTWTKNRMWRKTRSTNAGTTCIGTDPNRNFDAGWCTTGASTDPCDE
TYCGSAAESEKETKALADFIRNNLSSIKAYLTIHSYSQMILYPYSYDYKLPENNAELNNLAKAAVKELATLYGTKYTYGP
GATTIYPAAGGSDDWAYDQGIKYSFTFELRDKGRYGFILPESQIQATCEETMLAIKYVTNYVLGHL
;
_entity_poly.pdbx_strand_id   A,B,C
#
# COMPACT_ATOMS: atom_id res chain seq x y z
N GLY A 3 10.47 -14.47 -33.10
CA GLY A 3 10.08 -15.31 -34.22
C GLY A 3 9.11 -16.41 -33.81
N HIS A 4 8.43 -16.99 -34.79
CA HIS A 4 7.43 -18.01 -34.53
C HIS A 4 8.05 -19.38 -34.22
N SER A 5 7.47 -20.08 -33.26
CA SER A 5 7.83 -21.48 -33.02
C SER A 5 6.59 -22.31 -32.73
N TYR A 6 6.56 -23.53 -33.26
CA TYR A 6 5.42 -24.41 -33.02
C TYR A 6 5.44 -25.05 -31.63
N GLU A 7 6.58 -24.98 -30.96
CA GLU A 7 6.68 -25.52 -29.59
C GLU A 7 6.82 -24.42 -28.54
N LYS A 8 6.38 -23.22 -28.88
CA LYS A 8 6.21 -22.14 -27.90
C LYS A 8 4.86 -21.48 -28.12
N TYR A 9 4.34 -20.83 -27.09
CA TYR A 9 3.15 -20.01 -27.27
C TYR A 9 3.59 -18.70 -27.91
N ASN A 10 2.90 -18.33 -29.00
CA ASN A 10 3.27 -17.15 -29.77
C ASN A 10 2.27 -16.04 -29.53
N ASN A 11 2.73 -14.79 -29.46
CA ASN A 11 1.80 -13.68 -29.29
C ASN A 11 1.06 -13.41 -30.61
N TRP A 12 0.02 -12.59 -30.57
CA TRP A 12 -0.81 -12.41 -31.75
C TRP A 12 -0.02 -11.87 -32.93
N GLU A 13 0.84 -10.90 -32.66
CA GLU A 13 1.62 -10.29 -33.74
C GLU A 13 2.36 -11.39 -34.50
N THR A 14 2.87 -12.36 -33.76
CA THR A 14 3.64 -13.45 -34.34
C THR A 14 2.74 -14.46 -35.08
N ILE A 15 1.58 -14.78 -34.50
CA ILE A 15 0.65 -15.67 -35.15
C ILE A 15 0.16 -15.07 -36.45
N GLU A 16 -0.13 -13.76 -36.42
CA GLU A 16 -0.58 -13.08 -37.61
C GLU A 16 0.49 -13.16 -38.70
N ALA A 17 1.73 -12.86 -38.35
CA ALA A 17 2.82 -12.94 -39.33
C ALA A 17 2.97 -14.37 -39.85
N TRP A 18 2.74 -15.33 -38.96
CA TRP A 18 2.77 -16.73 -39.35
C TRP A 18 1.69 -17.09 -40.37
N THR A 19 0.46 -16.60 -40.18
CA THR A 19 -0.61 -16.91 -41.12
C THR A 19 -0.24 -16.42 -42.52
N LYS A 20 0.44 -15.28 -42.59
CA LYS A 20 0.84 -14.71 -43.87
C LYS A 20 1.96 -15.54 -44.46
N GLN A 21 2.94 -15.88 -43.64
CA GLN A 21 4.10 -16.62 -44.13
C GLN A 21 3.77 -18.05 -44.55
N VAL A 22 2.98 -18.76 -43.75
CA VAL A 22 2.70 -20.16 -44.05
C VAL A 22 1.87 -20.27 -45.33
N THR A 23 0.99 -19.29 -45.55
CA THR A 23 0.16 -19.24 -46.75
C THR A 23 1.00 -18.92 -47.98
N SER A 24 1.87 -17.92 -47.87
CA SER A 24 2.67 -17.51 -49.02
C SER A 24 3.67 -18.59 -49.39
N GLU A 25 4.07 -19.42 -48.42
CA GLU A 25 5.02 -20.49 -48.70
C GLU A 25 4.34 -21.77 -49.17
N ASN A 26 3.02 -21.86 -48.97
CA ASN A 26 2.28 -23.06 -49.36
C ASN A 26 0.95 -22.74 -50.05
N PRO A 27 0.99 -21.90 -51.10
CA PRO A 27 -0.25 -21.43 -51.74
C PRO A 27 -1.05 -22.57 -52.39
N ASP A 28 -0.38 -23.67 -52.67
CA ASP A 28 -1.06 -24.82 -53.28
C ASP A 28 -1.73 -25.71 -52.24
N LEU A 29 -1.62 -25.33 -50.97
CA LEU A 29 -2.30 -26.06 -49.89
C LEU A 29 -3.06 -25.15 -48.93
N ILE A 30 -2.75 -23.85 -48.94
CA ILE A 30 -3.36 -22.93 -47.99
C ILE A 30 -3.77 -21.63 -48.68
N SER A 31 -4.98 -21.16 -48.36
CA SER A 31 -5.35 -19.79 -48.67
C SER A 31 -5.84 -19.09 -47.40
N ARG A 32 -5.51 -17.81 -47.28
CA ARG A 32 -5.89 -17.03 -46.10
C ARG A 32 -6.97 -16.03 -46.47
N THR A 33 -8.04 -16.00 -45.67
CA THR A 33 -9.05 -14.95 -45.82
C THR A 33 -9.44 -14.41 -44.45
N ALA A 34 -9.66 -13.10 -44.38
CA ALA A 34 -10.22 -12.49 -43.17
C ALA A 34 -11.74 -12.56 -43.23
N ILE A 35 -12.36 -13.04 -42.16
CA ILE A 35 -13.82 -13.19 -42.15
C ILE A 35 -14.49 -12.15 -41.26
N GLY A 36 -13.70 -11.20 -40.78
CA GLY A 36 -14.23 -10.14 -39.94
C GLY A 36 -13.15 -9.48 -39.12
N THR A 37 -13.53 -8.45 -38.37
CA THR A 37 -12.63 -7.83 -37.40
C THR A 37 -13.18 -8.02 -36.00
N THR A 38 -12.28 -8.01 -35.03
CA THR A 38 -12.69 -8.09 -33.64
C THR A 38 -13.16 -6.72 -33.14
N PHE A 39 -13.60 -6.66 -31.90
CA PHE A 39 -14.07 -5.40 -31.33
C PHE A 39 -12.96 -4.34 -31.38
N LEU A 40 -11.72 -4.77 -31.14
CA LEU A 40 -10.59 -3.85 -31.13
C LEU A 40 -9.86 -3.76 -32.49
N GLY A 41 -10.49 -4.32 -33.53
CA GLY A 41 -9.99 -4.07 -34.88
C GLY A 41 -8.93 -5.04 -35.36
N ASN A 42 -8.78 -6.17 -34.68
CA ASN A 42 -7.85 -7.18 -35.15
C ASN A 42 -8.51 -8.05 -36.21
N ASN A 43 -7.69 -8.63 -37.09
CA ASN A 43 -8.21 -9.36 -38.25
C ASN A 43 -8.45 -10.83 -37.91
N ILE A 44 -9.69 -11.28 -38.09
CA ILE A 44 -10.01 -12.68 -37.81
C ILE A 44 -9.70 -13.52 -39.04
N TYR A 45 -8.53 -14.15 -39.05
CA TYR A 45 -8.13 -14.93 -40.22
C TYR A 45 -8.74 -16.31 -40.23
N LEU A 46 -9.02 -16.79 -41.43
CA LEU A 46 -9.43 -18.16 -41.65
C LEU A 46 -8.50 -18.76 -42.70
N LEU A 47 -7.93 -19.91 -42.36
CA LEU A 47 -7.05 -20.61 -43.29
C LEU A 47 -7.80 -21.77 -43.91
N LYS A 48 -7.92 -21.78 -45.22
CA LYS A 48 -8.51 -22.92 -45.91
C LYS A 48 -7.40 -23.88 -46.30
N VAL A 49 -7.35 -25.02 -45.63
CA VAL A 49 -6.26 -25.96 -45.82
C VAL A 49 -6.74 -27.14 -46.64
N GLY A 50 -6.09 -27.37 -47.77
CA GLY A 50 -6.54 -28.43 -48.67
C GLY A 50 -6.06 -28.19 -50.09
N LYS A 51 -6.09 -29.25 -50.89
CA LYS A 51 -5.69 -29.17 -52.29
C LYS A 51 -6.86 -28.56 -53.05
N PRO A 52 -6.66 -27.37 -53.65
CA PRO A 52 -7.76 -26.61 -54.25
C PRO A 52 -8.51 -27.40 -55.32
N GLY A 53 -9.83 -27.23 -55.34
CA GLY A 53 -10.67 -27.96 -56.26
C GLY A 53 -12.10 -27.48 -56.19
N PRO A 54 -12.96 -27.86 -57.14
CA PRO A 54 -14.36 -27.41 -57.20
C PRO A 54 -15.27 -28.11 -56.19
N ASN A 55 -16.18 -27.35 -55.61
CA ASN A 55 -17.16 -27.84 -54.63
C ASN A 55 -16.70 -29.02 -53.79
N LYS A 56 -15.74 -28.75 -52.91
CA LYS A 56 -15.28 -29.76 -51.96
C LYS A 56 -16.04 -29.65 -50.65
N PRO A 57 -16.33 -30.79 -50.01
CA PRO A 57 -16.87 -30.76 -48.64
C PRO A 57 -15.80 -30.24 -47.69
N ALA A 58 -16.19 -29.90 -46.47
CA ALA A 58 -15.25 -29.28 -45.56
C ALA A 58 -15.49 -29.67 -44.10
N ILE A 59 -14.42 -29.53 -43.31
CA ILE A 59 -14.52 -29.63 -41.86
C ILE A 59 -14.05 -28.31 -41.25
N PHE A 60 -14.84 -27.77 -40.33
CA PHE A 60 -14.52 -26.49 -39.72
C PHE A 60 -13.93 -26.72 -38.33
N MET A 61 -12.78 -26.11 -38.06
CA MET A 61 -12.17 -26.20 -36.74
C MET A 61 -11.70 -24.83 -36.28
N ASP A 62 -12.07 -24.44 -35.06
CA ASP A 62 -11.57 -23.20 -34.50
C ASP A 62 -10.80 -23.41 -33.21
N CYS A 63 -9.89 -22.48 -32.93
CA CYS A 63 -9.16 -22.45 -31.68
C CYS A 63 -9.28 -21.06 -31.06
N GLY A 64 -8.95 -20.95 -29.78
CA GLY A 64 -8.84 -19.63 -29.16
C GLY A 64 -10.15 -18.90 -28.87
N PHE A 65 -11.22 -19.65 -28.63
CA PHE A 65 -12.46 -19.04 -28.12
C PHE A 65 -12.15 -18.32 -26.81
N HIS A 66 -11.47 -19.02 -25.91
CA HIS A 66 -11.19 -18.50 -24.57
C HIS A 66 -9.72 -18.11 -24.43
N ALA A 67 -9.49 -16.85 -24.07
CA ALA A 67 -8.18 -16.21 -24.16
C ALA A 67 -7.06 -16.96 -23.47
N ARG A 68 -7.34 -17.48 -22.27
CA ARG A 68 -6.30 -18.06 -21.43
C ARG A 68 -5.92 -19.49 -21.80
N GLU A 69 -6.68 -20.09 -22.71
CA GLU A 69 -6.46 -21.50 -23.04
C GLU A 69 -5.43 -21.63 -24.16
N TRP A 70 -4.20 -21.27 -23.81
CA TRP A 70 -3.14 -21.07 -24.81
C TRP A 70 -2.81 -22.33 -25.62
N ILE A 71 -3.02 -23.50 -25.05
CA ILE A 71 -2.69 -24.73 -25.77
C ILE A 71 -3.66 -24.94 -26.94
N SER A 72 -4.83 -24.33 -26.86
CA SER A 72 -5.78 -24.37 -27.96
C SER A 72 -5.20 -23.66 -29.19
N HIS A 73 -4.76 -22.42 -29.00
CA HIS A 73 -4.18 -21.66 -30.10
C HIS A 73 -3.00 -22.42 -30.69
N ALA A 74 -2.20 -23.00 -29.82
CA ALA A 74 -1.01 -23.73 -30.25
C ALA A 74 -1.38 -24.92 -31.12
N PHE A 75 -2.50 -25.58 -30.81
CA PHE A 75 -2.88 -26.73 -31.61
C PHE A 75 -3.23 -26.39 -33.06
N CYS A 76 -4.00 -25.32 -33.26
CA CYS A 76 -4.40 -24.98 -34.63
C CYS A 76 -3.18 -24.72 -35.50
N GLN A 77 -2.17 -24.06 -34.95
CA GLN A 77 -0.93 -23.84 -35.70
C GLN A 77 -0.23 -25.17 -36.00
N TRP A 78 -0.16 -26.04 -35.00
CA TRP A 78 0.47 -27.35 -35.16
C TRP A 78 -0.20 -28.16 -36.28
N PHE A 79 -1.52 -28.17 -36.29
CA PHE A 79 -2.31 -28.89 -37.28
C PHE A 79 -1.97 -28.45 -38.71
N VAL A 80 -1.88 -27.14 -38.90
CA VAL A 80 -1.59 -26.59 -40.21
C VAL A 80 -0.24 -27.06 -40.73
N ARG A 81 0.78 -27.00 -39.89
CA ARG A 81 2.08 -27.51 -40.32
C ARG A 81 2.05 -28.99 -40.65
N GLU A 82 1.35 -29.78 -39.84
CA GLU A 82 1.24 -31.21 -40.10
C GLU A 82 0.63 -31.44 -41.48
N ALA A 83 -0.43 -30.70 -41.77
CA ALA A 83 -1.10 -30.80 -43.06
C ALA A 83 -0.13 -30.54 -44.20
N VAL A 84 0.58 -29.42 -44.14
CA VAL A 84 1.40 -28.98 -45.27
C VAL A 84 2.63 -29.86 -45.46
N LEU A 85 3.23 -30.31 -44.35
CA LEU A 85 4.47 -31.07 -44.45
C LEU A 85 4.24 -32.51 -44.88
N THR A 86 3.12 -33.09 -44.48
CA THR A 86 2.89 -34.51 -44.73
C THR A 86 2.04 -34.77 -45.97
N TYR A 87 1.48 -33.72 -46.58
CA TYR A 87 0.70 -33.94 -47.79
C TYR A 87 1.57 -34.56 -48.88
N GLY A 88 1.07 -35.65 -49.44
CA GLY A 88 1.79 -36.33 -50.51
C GLY A 88 2.63 -37.49 -50.00
N TYR A 89 2.85 -37.52 -48.68
CA TYR A 89 3.70 -38.55 -48.08
C TYR A 89 2.92 -39.46 -47.14
N GLU A 90 2.09 -38.88 -46.29
CA GLU A 90 1.23 -39.67 -45.41
C GLU A 90 -0.10 -39.89 -46.12
N SER A 91 -0.46 -41.16 -46.32
CA SER A 91 -1.57 -41.49 -47.20
C SER A 91 -2.90 -40.90 -46.73
N HIS A 92 -3.16 -40.90 -45.42
CA HIS A 92 -4.43 -40.40 -44.91
C HIS A 92 -4.56 -38.88 -45.12
N MET A 93 -3.54 -38.13 -44.72
CA MET A 93 -3.60 -36.67 -44.83
C MET A 93 -3.68 -36.27 -46.31
N THR A 94 -3.02 -37.05 -47.17
CA THR A 94 -3.05 -36.76 -48.60
C THR A 94 -4.47 -36.92 -49.13
N GLU A 95 -5.12 -38.03 -48.77
CA GLU A 95 -6.50 -38.27 -49.17
C GLU A 95 -7.41 -37.21 -48.57
N PHE A 96 -7.18 -36.86 -47.30
CA PHE A 96 -7.99 -35.85 -46.64
C PHE A 96 -7.97 -34.53 -47.41
N LEU A 97 -6.77 -34.04 -47.73
CA LEU A 97 -6.64 -32.74 -48.36
C LEU A 97 -7.05 -32.76 -49.84
N ASN A 98 -6.99 -33.92 -50.46
CA ASN A 98 -7.48 -34.05 -51.83
C ASN A 98 -9.00 -33.98 -51.87
N LYS A 99 -9.65 -34.61 -50.91
CA LYS A 99 -11.11 -34.79 -50.96
C LYS A 99 -11.89 -33.67 -50.28
N LEU A 100 -11.29 -33.03 -49.29
CA LEU A 100 -11.99 -31.98 -48.56
C LEU A 100 -11.09 -30.82 -48.16
N ASP A 101 -11.71 -29.76 -47.63
CA ASP A 101 -10.97 -28.63 -47.09
C ASP A 101 -11.16 -28.58 -45.59
N PHE A 102 -10.10 -28.23 -44.88
CA PHE A 102 -10.22 -27.86 -43.47
C PHE A 102 -10.30 -26.34 -43.41
N TYR A 103 -11.39 -25.83 -42.85
CA TYR A 103 -11.46 -24.41 -42.54
C TYR A 103 -10.91 -24.24 -41.14
N VAL A 104 -9.68 -23.75 -41.02
CA VAL A 104 -9.04 -23.62 -39.73
C VAL A 104 -9.06 -22.15 -39.28
N LEU A 105 -9.67 -21.89 -38.13
CA LEU A 105 -9.69 -20.54 -37.58
C LEU A 105 -8.77 -20.52 -36.37
N PRO A 106 -7.54 -20.03 -36.55
CA PRO A 106 -6.50 -20.22 -35.53
C PRO A 106 -6.72 -19.50 -34.20
N VAL A 107 -7.30 -18.30 -34.25
CA VAL A 107 -7.67 -17.58 -33.02
C VAL A 107 -8.96 -16.80 -33.24
N LEU A 108 -10.02 -17.15 -32.52
CA LEU A 108 -11.27 -16.40 -32.64
C LEU A 108 -11.23 -15.14 -31.79
N ASN A 109 -10.96 -15.31 -30.50
CA ASN A 109 -10.99 -14.21 -29.53
C ASN A 109 -9.60 -13.60 -29.42
N ILE A 110 -9.22 -12.86 -30.46
CA ILE A 110 -7.87 -12.31 -30.56
C ILE A 110 -7.65 -11.23 -29.51
N ASP A 111 -8.69 -10.44 -29.24
CA ASP A 111 -8.57 -9.31 -28.34
C ASP A 111 -8.27 -9.81 -26.94
N GLY A 112 -8.99 -10.85 -26.52
CA GLY A 112 -8.74 -11.44 -25.22
C GLY A 112 -7.37 -12.09 -25.15
N TYR A 113 -6.95 -12.74 -26.23
CA TYR A 113 -5.65 -13.39 -26.27
C TYR A 113 -4.52 -12.38 -26.08
N ILE A 114 -4.61 -11.26 -26.78
CA ILE A 114 -3.63 -10.19 -26.59
C ILE A 114 -3.62 -9.73 -25.14
N TYR A 115 -4.79 -9.66 -24.50
CA TYR A 115 -4.86 -9.19 -23.12
C TYR A 115 -4.16 -10.16 -22.16
N THR A 116 -4.19 -11.45 -22.47
CA THR A 116 -3.52 -12.44 -21.61
C THR A 116 -2.00 -12.32 -21.73
N TRP A 117 -1.54 -11.74 -22.84
CA TRP A 117 -0.12 -11.49 -23.03
C TRP A 117 0.32 -10.16 -22.41
N THR A 118 -0.55 -9.17 -22.43
CA THR A 118 -0.17 -7.83 -22.00
C THR A 118 -0.50 -7.52 -20.53
N LYS A 119 -1.58 -8.08 -20.01
CA LYS A 119 -2.13 -7.62 -18.74
C LYS A 119 -2.54 -8.72 -17.76
N ASN A 120 -3.32 -9.69 -18.24
CA ASN A 120 -3.94 -10.65 -17.32
C ASN A 120 -3.98 -12.03 -17.95
N ARG A 121 -3.08 -12.91 -17.52
CA ARG A 121 -2.90 -14.22 -18.12
C ARG A 121 -4.15 -15.09 -17.98
N MET A 122 -4.99 -14.76 -17.01
CA MET A 122 -6.17 -15.57 -16.71
C MET A 122 -7.45 -15.01 -17.32
N TRP A 123 -7.32 -14.03 -18.22
CA TRP A 123 -8.48 -13.48 -18.90
C TRP A 123 -9.14 -14.54 -19.78
N ARG A 124 -10.46 -14.45 -19.94
CA ARG A 124 -11.24 -15.48 -20.61
C ARG A 124 -12.10 -14.92 -21.75
N LYS A 125 -12.80 -13.83 -21.46
CA LYS A 125 -13.83 -13.29 -22.35
C LYS A 125 -13.24 -12.46 -23.47
N THR A 126 -14.12 -11.86 -24.27
CA THR A 126 -13.68 -10.87 -25.26
C THR A 126 -13.31 -9.57 -24.54
N ARG A 127 -13.06 -8.52 -25.30
CA ARG A 127 -12.70 -7.24 -24.70
C ARG A 127 -13.65 -6.11 -25.09
N SER A 128 -14.88 -6.46 -25.45
CA SER A 128 -15.87 -5.44 -25.83
C SER A 128 -16.34 -4.67 -24.60
N THR A 129 -16.77 -3.43 -24.80
CA THR A 129 -17.33 -2.65 -23.71
C THR A 129 -18.79 -3.03 -23.48
N ASN A 130 -19.30 -2.71 -22.30
CA ASN A 130 -20.67 -3.03 -21.95
C ASN A 130 -21.36 -1.77 -21.41
N ALA A 131 -22.54 -1.47 -21.94
CA ALA A 131 -23.21 -0.23 -21.58
C ALA A 131 -23.59 -0.23 -20.11
N GLY A 132 -23.43 0.92 -19.45
CA GLY A 132 -23.86 1.07 -18.08
C GLY A 132 -22.92 0.50 -17.04
N THR A 133 -21.72 0.08 -17.47
CA THR A 133 -20.76 -0.51 -16.54
C THR A 133 -19.33 -0.38 -17.04
N THR A 134 -18.37 -0.48 -16.13
CA THR A 134 -16.96 -0.46 -16.50
C THR A 134 -16.48 -1.87 -16.83
N CYS A 135 -17.29 -2.87 -16.52
CA CYS A 135 -16.91 -4.25 -16.77
C CYS A 135 -16.79 -4.58 -18.24
N ILE A 136 -15.78 -5.38 -18.58
CA ILE A 136 -15.43 -5.63 -19.97
C ILE A 136 -15.70 -7.07 -20.37
N GLY A 137 -16.24 -7.27 -21.57
CA GLY A 137 -16.20 -8.58 -22.21
C GLY A 137 -17.41 -9.49 -22.08
N THR A 138 -17.54 -10.35 -23.07
CA THR A 138 -18.60 -11.36 -23.12
C THR A 138 -17.94 -12.73 -23.29
N ASP A 139 -18.54 -13.76 -22.70
CA ASP A 139 -18.06 -15.12 -22.90
C ASP A 139 -18.50 -15.62 -24.26
N PRO A 140 -17.56 -15.79 -25.21
CA PRO A 140 -17.97 -16.18 -26.56
C PRO A 140 -18.70 -17.52 -26.62
N ASN A 141 -18.38 -18.43 -25.70
CA ASN A 141 -19.01 -19.74 -25.73
C ASN A 141 -20.31 -19.78 -24.94
N ARG A 142 -20.85 -18.60 -24.65
CA ARG A 142 -22.22 -18.48 -24.16
C ARG A 142 -23.01 -17.55 -25.07
N ASN A 143 -22.39 -17.13 -26.18
CA ASN A 143 -22.96 -16.05 -27.00
C ASN A 143 -23.65 -16.55 -28.28
N PHE A 144 -23.78 -17.87 -28.43
CA PHE A 144 -24.43 -18.41 -29.62
C PHE A 144 -25.90 -18.70 -29.40
N ASP A 145 -26.65 -18.74 -30.51
CA ASP A 145 -28.09 -18.91 -30.46
C ASP A 145 -28.44 -20.38 -30.25
N ALA A 146 -28.09 -20.92 -29.09
CA ALA A 146 -28.38 -22.31 -28.75
C ALA A 146 -28.89 -22.37 -27.31
N GLY A 147 -30.21 -22.32 -27.15
CA GLY A 147 -30.78 -22.16 -25.83
C GLY A 147 -30.18 -20.94 -25.14
N TRP A 148 -29.98 -19.87 -25.90
CA TRP A 148 -29.17 -18.76 -25.44
C TRP A 148 -29.52 -18.24 -24.05
N CYS A 149 -28.50 -18.23 -23.19
CA CYS A 149 -28.57 -17.68 -21.84
C CYS A 149 -29.62 -18.29 -20.93
N THR A 150 -30.06 -19.53 -21.23
CA THR A 150 -31.10 -20.16 -20.42
C THR A 150 -30.56 -20.99 -19.25
N THR A 151 -29.30 -21.39 -19.33
CA THR A 151 -28.69 -22.12 -18.23
C THR A 151 -27.17 -22.00 -18.29
N GLY A 152 -26.53 -22.08 -17.12
CA GLY A 152 -25.08 -22.12 -17.07
C GLY A 152 -24.42 -20.88 -17.61
N ALA A 153 -25.14 -19.76 -17.62
CA ALA A 153 -24.63 -18.50 -18.13
C ALA A 153 -25.15 -17.30 -17.35
N SER A 154 -24.31 -16.29 -17.18
CA SER A 154 -24.68 -15.12 -16.40
C SER A 154 -25.20 -14.01 -17.30
N THR A 155 -26.13 -13.22 -16.77
CA THR A 155 -26.67 -12.07 -17.48
C THR A 155 -25.94 -10.79 -17.04
N ASP A 156 -24.91 -10.96 -16.21
CA ASP A 156 -24.18 -9.83 -15.64
C ASP A 156 -22.86 -9.64 -16.38
N PRO A 157 -22.64 -8.45 -16.94
CA PRO A 157 -21.43 -8.16 -17.72
C PRO A 157 -20.12 -8.29 -16.94
N CYS A 158 -20.21 -8.27 -15.62
CA CYS A 158 -19.00 -8.38 -14.79
C CYS A 158 -18.58 -9.82 -14.55
N ASP A 159 -19.40 -10.77 -14.98
CA ASP A 159 -19.15 -12.19 -14.72
C ASP A 159 -18.42 -12.87 -15.88
N GLU A 160 -17.69 -13.95 -15.56
CA GLU A 160 -16.85 -14.61 -16.55
C GLU A 160 -17.65 -15.41 -17.58
N THR A 161 -18.89 -15.74 -17.25
CA THR A 161 -19.76 -16.46 -18.19
C THR A 161 -20.88 -15.56 -18.73
N TYR A 162 -20.65 -14.25 -18.75
CA TYR A 162 -21.64 -13.32 -19.30
C TYR A 162 -22.03 -13.73 -20.71
N CYS A 163 -23.34 -13.79 -20.97
CA CYS A 163 -23.81 -14.33 -22.23
C CYS A 163 -23.98 -13.26 -23.31
N GLY A 164 -23.73 -12.00 -22.95
CA GLY A 164 -23.88 -10.92 -23.90
C GLY A 164 -25.26 -10.29 -23.85
N SER A 165 -25.48 -9.26 -24.66
CA SER A 165 -26.76 -8.57 -24.70
C SER A 165 -27.78 -9.33 -25.54
N ALA A 166 -27.28 -10.19 -26.42
CA ALA A 166 -28.12 -11.00 -27.30
C ALA A 166 -27.22 -12.04 -27.96
N ALA A 167 -27.81 -13.10 -28.49
CA ALA A 167 -27.02 -14.08 -29.22
C ALA A 167 -26.28 -13.34 -30.35
N GLU A 168 -25.00 -13.66 -30.54
CA GLU A 168 -24.19 -13.06 -31.59
C GLU A 168 -24.02 -11.55 -31.45
N SER A 169 -24.09 -11.07 -30.21
CA SER A 169 -23.85 -9.65 -29.94
C SER A 169 -22.38 -9.28 -30.17
N GLU A 170 -21.50 -10.26 -30.04
CA GLU A 170 -20.07 -10.02 -30.25
C GLU A 170 -19.73 -10.07 -31.72
N LYS A 171 -18.88 -9.14 -32.17
CA LYS A 171 -18.44 -9.14 -33.56
C LYS A 171 -17.80 -10.47 -33.93
N GLU A 172 -17.06 -11.06 -33.00
CA GLU A 172 -16.32 -12.28 -33.30
C GLU A 172 -17.23 -13.47 -33.52
N THR A 173 -18.25 -13.60 -32.66
CA THR A 173 -19.17 -14.72 -32.79
C THR A 173 -20.11 -14.55 -33.99
N LYS A 174 -20.48 -13.30 -34.27
CA LYS A 174 -21.28 -13.00 -35.46
C LYS A 174 -20.48 -13.38 -36.71
N ALA A 175 -19.19 -13.10 -36.71
CA ALA A 175 -18.36 -13.37 -37.88
C ALA A 175 -18.27 -14.87 -38.15
N LEU A 176 -18.07 -15.65 -37.07
CA LEU A 176 -17.98 -17.09 -37.19
C LEU A 176 -19.31 -17.69 -37.63
N ALA A 177 -20.40 -17.24 -37.02
CA ALA A 177 -21.71 -17.79 -37.33
C ALA A 177 -22.11 -17.47 -38.77
N ASP A 178 -21.79 -16.24 -39.20
CA ASP A 178 -22.06 -15.81 -40.56
C ASP A 178 -21.32 -16.66 -41.57
N PHE A 179 -20.06 -16.96 -41.27
CA PHE A 179 -19.27 -17.76 -42.19
C PHE A 179 -19.80 -19.18 -42.30
N ILE A 180 -20.16 -19.77 -41.17
CA ILE A 180 -20.69 -21.13 -41.17
C ILE A 180 -22.05 -21.19 -41.86
N ARG A 181 -22.87 -20.16 -41.66
CA ARG A 181 -24.16 -20.10 -42.33
C ARG A 181 -24.00 -19.96 -43.84
N ASN A 182 -23.01 -19.17 -44.26
CA ASN A 182 -22.75 -18.96 -45.68
C ASN A 182 -22.16 -20.20 -46.36
N ASN A 183 -21.70 -21.16 -45.57
CA ASN A 183 -21.06 -22.35 -46.12
C ASN A 183 -21.64 -23.65 -45.58
N LEU A 184 -22.85 -23.57 -45.05
CA LEU A 184 -23.49 -24.72 -44.43
C LEU A 184 -23.48 -25.98 -45.29
N SER A 185 -23.76 -25.83 -46.57
CA SER A 185 -23.93 -26.98 -47.45
C SER A 185 -22.64 -27.78 -47.67
N SER A 186 -21.49 -27.16 -47.38
CA SER A 186 -20.22 -27.83 -47.56
C SER A 186 -19.61 -28.37 -46.26
N ILE A 187 -19.97 -27.75 -45.14
CA ILE A 187 -19.40 -28.13 -43.86
C ILE A 187 -20.07 -29.37 -43.28
N LYS A 188 -19.28 -30.41 -43.04
CA LYS A 188 -19.82 -31.71 -42.63
C LYS A 188 -19.53 -32.01 -41.17
N ALA A 189 -18.56 -31.30 -40.59
CA ALA A 189 -18.23 -31.47 -39.18
C ALA A 189 -17.74 -30.15 -38.58
N TYR A 190 -17.99 -29.97 -37.29
CA TYR A 190 -17.54 -28.77 -36.58
C TYR A 190 -16.76 -29.18 -35.34
N LEU A 191 -15.52 -28.70 -35.24
CA LEU A 191 -14.64 -29.03 -34.13
C LEU A 191 -14.16 -27.74 -33.47
N THR A 192 -14.31 -27.66 -32.15
CA THR A 192 -13.90 -26.45 -31.42
C THR A 192 -12.97 -26.83 -30.27
N ILE A 193 -11.80 -26.21 -30.22
CA ILE A 193 -10.72 -26.67 -29.35
C ILE A 193 -10.60 -25.77 -28.12
N HIS A 194 -10.64 -26.39 -26.94
CA HIS A 194 -10.53 -25.69 -25.66
C HIS A 194 -9.50 -26.40 -24.78
N SER A 195 -9.24 -25.86 -23.59
CA SER A 195 -8.55 -26.60 -22.54
C SER A 195 -9.10 -26.06 -21.22
N TYR A 196 -8.92 -26.77 -20.11
CA TYR A 196 -8.28 -28.07 -20.03
C TYR A 196 -9.32 -29.06 -19.48
N SER A 197 -8.99 -30.35 -19.48
CA SER A 197 -9.83 -31.38 -18.83
C SER A 197 -9.63 -32.75 -19.45
N GLN A 198 -9.03 -32.78 -20.62
CA GLN A 198 -8.88 -34.01 -21.39
C GLN A 198 -10.24 -34.69 -21.60
N MET A 199 -11.06 -34.05 -22.42
CA MET A 199 -12.37 -34.59 -22.78
C MET A 199 -12.68 -34.35 -24.25
N ILE A 200 -13.57 -35.19 -24.79
CA ILE A 200 -14.26 -34.87 -26.03
C ILE A 200 -15.76 -34.80 -25.74
N LEU A 201 -16.36 -33.65 -26.01
CA LEU A 201 -17.77 -33.42 -25.70
C LEU A 201 -18.59 -33.31 -26.97
N TYR A 202 -19.84 -33.75 -26.91
CA TYR A 202 -20.77 -33.53 -28.01
C TYR A 202 -22.13 -33.10 -27.44
N PRO A 203 -23.05 -32.63 -28.29
CA PRO A 203 -24.32 -32.08 -27.81
C PRO A 203 -25.11 -33.09 -26.99
N TYR A 204 -25.97 -32.60 -26.09
CA TYR A 204 -26.18 -31.17 -25.89
C TYR A 204 -25.62 -30.67 -24.57
N SER A 205 -25.34 -29.38 -24.53
CA SER A 205 -24.89 -28.73 -23.31
C SER A 205 -25.92 -27.74 -22.76
N TYR A 206 -26.81 -27.23 -23.61
CA TYR A 206 -27.81 -26.30 -23.12
C TYR A 206 -29.03 -26.99 -22.53
N ASP A 207 -29.10 -28.31 -22.67
CA ASP A 207 -30.16 -29.08 -22.03
C ASP A 207 -29.73 -30.54 -21.92
N TYR A 208 -30.47 -31.32 -21.15
CA TYR A 208 -30.10 -32.71 -20.92
C TYR A 208 -30.58 -33.64 -22.04
N LYS A 209 -31.32 -33.10 -22.99
CA LYS A 209 -31.74 -33.88 -24.15
C LYS A 209 -30.54 -34.40 -24.93
N LEU A 210 -30.72 -35.53 -25.60
CA LEU A 210 -29.65 -36.12 -26.39
C LEU A 210 -29.89 -35.91 -27.89
N PRO A 211 -28.81 -35.79 -28.67
CA PRO A 211 -28.92 -35.67 -30.12
C PRO A 211 -29.46 -36.95 -30.75
N GLU A 212 -30.11 -36.82 -31.89
CA GLU A 212 -30.67 -37.97 -32.59
C GLU A 212 -29.62 -39.07 -32.82
N ASN A 213 -28.43 -38.66 -33.26
CA ASN A 213 -27.36 -39.62 -33.52
C ASN A 213 -26.43 -39.77 -32.32
N ASN A 214 -27.03 -39.78 -31.13
CA ASN A 214 -26.30 -39.90 -29.89
C ASN A 214 -25.41 -41.14 -29.87
N ALA A 215 -25.94 -42.25 -30.37
CA ALA A 215 -25.20 -43.51 -30.35
C ALA A 215 -23.95 -43.39 -31.21
N GLU A 216 -24.10 -42.78 -32.38
CA GLU A 216 -23.00 -42.62 -33.32
C GLU A 216 -21.92 -41.69 -32.77
N LEU A 217 -22.35 -40.57 -32.19
CA LEU A 217 -21.41 -39.61 -31.63
C LEU A 217 -20.67 -40.22 -30.45
N ASN A 218 -21.36 -41.01 -29.63
CA ASN A 218 -20.71 -41.66 -28.51
C ASN A 218 -19.66 -42.64 -29.01
N ASN A 219 -20.00 -43.40 -30.04
CA ASN A 219 -19.08 -44.41 -30.58
C ASN A 219 -17.89 -43.74 -31.24
N LEU A 220 -18.14 -42.62 -31.89
CA LEU A 220 -17.08 -41.86 -32.55
C LEU A 220 -16.14 -41.24 -31.52
N ALA A 221 -16.70 -40.64 -30.48
CA ALA A 221 -15.90 -40.02 -29.43
C ALA A 221 -15.07 -41.10 -28.71
N LYS A 222 -15.68 -42.24 -28.45
CA LYS A 222 -14.97 -43.34 -27.79
C LYS A 222 -13.76 -43.80 -28.59
N ALA A 223 -13.95 -43.93 -29.90
CA ALA A 223 -12.89 -44.43 -30.77
C ALA A 223 -11.77 -43.41 -30.86
N ALA A 224 -12.14 -42.13 -30.86
CA ALA A 224 -11.17 -41.05 -30.96
C ALA A 224 -10.30 -40.94 -29.71
N VAL A 225 -10.90 -41.13 -28.54
CA VAL A 225 -10.12 -41.07 -27.30
C VAL A 225 -9.21 -42.27 -27.19
N LYS A 226 -9.68 -43.42 -27.66
CA LYS A 226 -8.83 -44.61 -27.72
C LYS A 226 -7.62 -44.33 -28.62
N GLU A 227 -7.89 -43.73 -29.78
CA GLU A 227 -6.83 -43.46 -30.75
C GLU A 227 -5.81 -42.49 -30.14
N LEU A 228 -6.32 -41.48 -29.45
CA LEU A 228 -5.47 -40.46 -28.83
C LEU A 228 -4.51 -41.11 -27.83
N ALA A 229 -5.03 -42.05 -27.05
CA ALA A 229 -4.27 -42.70 -25.99
C ALA A 229 -3.12 -43.58 -26.48
N THR A 230 -3.18 -44.01 -27.74
CA THR A 230 -2.20 -44.95 -28.26
C THR A 230 -0.80 -44.34 -28.36
N LEU A 231 -0.71 -43.03 -28.43
CA LEU A 231 0.56 -42.37 -28.65
C LEU A 231 1.38 -42.25 -27.36
N TYR A 232 0.79 -41.66 -26.33
CA TYR A 232 1.52 -41.35 -25.11
C TYR A 232 0.83 -41.83 -23.83
N GLY A 233 -0.34 -42.44 -23.97
CA GLY A 233 -1.03 -42.98 -22.81
C GLY A 233 -2.01 -42.02 -22.17
N THR A 234 -2.19 -40.86 -22.77
CA THR A 234 -3.05 -39.81 -22.22
C THR A 234 -4.51 -40.25 -22.24
N LYS A 235 -5.19 -40.13 -21.10
CA LYS A 235 -6.56 -40.59 -21.01
C LYS A 235 -7.59 -39.47 -21.04
N TYR A 236 -8.49 -39.56 -22.00
CA TYR A 236 -9.61 -38.62 -22.13
C TYR A 236 -10.89 -39.31 -21.66
N THR A 237 -11.87 -38.51 -21.25
CA THR A 237 -13.23 -39.00 -21.10
C THR A 237 -14.10 -38.31 -22.14
N TYR A 238 -15.34 -38.76 -22.29
CA TYR A 238 -16.18 -38.24 -23.34
C TYR A 238 -17.66 -38.40 -23.01
N GLY A 239 -18.50 -37.60 -23.67
CA GLY A 239 -19.93 -37.72 -23.49
C GLY A 239 -20.65 -36.44 -23.85
N PRO A 240 -21.98 -36.39 -23.66
CA PRO A 240 -22.74 -35.15 -23.87
C PRO A 240 -22.27 -34.09 -22.88
N GLY A 241 -22.22 -32.84 -23.35
CA GLY A 241 -21.65 -31.78 -22.54
C GLY A 241 -22.34 -31.59 -21.19
N ALA A 242 -23.67 -31.61 -21.20
CA ALA A 242 -24.44 -31.27 -20.02
C ALA A 242 -24.12 -32.17 -18.83
N THR A 243 -23.87 -33.45 -19.10
CA THR A 243 -23.58 -34.40 -18.02
C THR A 243 -22.09 -34.68 -17.83
N THR A 244 -21.30 -34.41 -18.86
CA THR A 244 -19.88 -34.75 -18.81
C THR A 244 -19.05 -33.64 -18.16
N ILE A 245 -19.50 -32.41 -18.33
CA ILE A 245 -18.88 -31.29 -17.64
C ILE A 245 -19.91 -30.52 -16.82
N TYR A 246 -20.75 -29.72 -17.48
CA TYR A 246 -21.89 -29.10 -16.83
C TYR A 246 -22.77 -28.43 -17.87
N PRO A 247 -24.05 -28.16 -17.52
CA PRO A 247 -24.89 -27.43 -18.47
C PRO A 247 -24.31 -26.05 -18.75
N ALA A 248 -24.34 -25.66 -20.02
CA ALA A 248 -23.82 -24.36 -20.44
C ALA A 248 -24.47 -23.99 -21.76
N ALA A 249 -25.43 -23.07 -21.71
CA ALA A 249 -26.17 -22.69 -22.91
C ALA A 249 -25.38 -21.70 -23.75
N GLY A 250 -25.67 -21.68 -25.05
CA GLY A 250 -25.08 -20.68 -25.92
C GLY A 250 -23.75 -21.11 -26.52
N GLY A 251 -23.49 -22.41 -26.49
CA GLY A 251 -22.22 -22.91 -27.02
C GLY A 251 -22.21 -23.06 -28.53
N SER A 252 -21.05 -22.87 -29.13
CA SER A 252 -20.94 -22.93 -30.58
C SER A 252 -21.17 -24.35 -31.09
N ASP A 253 -20.78 -25.34 -30.30
CA ASP A 253 -20.92 -26.73 -30.75
C ASP A 253 -22.39 -27.15 -30.82
N ASP A 254 -23.19 -26.74 -29.84
CA ASP A 254 -24.62 -27.02 -29.87
C ASP A 254 -25.28 -26.24 -31.01
N TRP A 255 -24.82 -25.02 -31.23
CA TRP A 255 -25.38 -24.20 -32.31
C TRP A 255 -25.09 -24.83 -33.66
N ALA A 256 -23.85 -25.25 -33.87
CA ALA A 256 -23.45 -25.85 -35.13
C ALA A 256 -24.27 -27.10 -35.40
N TYR A 257 -24.47 -27.91 -34.37
CA TYR A 257 -25.25 -29.13 -34.52
C TYR A 257 -26.66 -28.81 -34.95
N ASP A 258 -27.28 -27.83 -34.29
CA ASP A 258 -28.66 -27.47 -34.61
C ASP A 258 -28.79 -26.79 -35.98
N GLN A 259 -27.66 -26.43 -36.59
CA GLN A 259 -27.67 -25.94 -37.96
C GLN A 259 -27.72 -27.11 -38.96
N GLY A 260 -27.57 -28.33 -38.46
CA GLY A 260 -27.61 -29.50 -39.31
C GLY A 260 -26.26 -30.16 -39.52
N ILE A 261 -25.25 -29.66 -38.82
CA ILE A 261 -23.93 -30.26 -38.88
C ILE A 261 -23.86 -31.40 -37.87
N LYS A 262 -23.90 -32.63 -38.38
CA LYS A 262 -24.19 -33.80 -37.54
C LYS A 262 -23.02 -34.26 -36.71
N TYR A 263 -21.82 -33.86 -37.10
CA TYR A 263 -20.65 -34.17 -36.30
C TYR A 263 -20.11 -32.88 -35.70
N SER A 264 -20.34 -32.72 -34.39
CA SER A 264 -19.98 -31.50 -33.70
C SER A 264 -19.38 -31.87 -32.35
N PHE A 265 -18.15 -31.43 -32.11
CA PHE A 265 -17.42 -31.84 -30.92
C PHE A 265 -16.69 -30.66 -30.29
N THR A 266 -16.62 -30.65 -28.97
CA THR A 266 -15.70 -29.78 -28.26
C THR A 266 -14.59 -30.64 -27.69
N PHE A 267 -13.35 -30.25 -27.96
CA PHE A 267 -12.19 -30.88 -27.36
C PHE A 267 -11.69 -30.06 -26.17
N GLU A 268 -11.40 -30.73 -25.07
CA GLU A 268 -10.70 -30.12 -23.96
C GLU A 268 -9.34 -30.80 -23.84
N LEU A 269 -8.27 -30.06 -24.14
CA LEU A 269 -6.94 -30.66 -24.17
C LEU A 269 -6.32 -30.77 -22.77
N ARG A 270 -5.03 -31.10 -22.71
CA ARG A 270 -4.32 -31.27 -21.44
C ARG A 270 -4.34 -29.97 -20.63
N ASP A 271 -4.22 -30.07 -19.30
CA ASP A 271 -4.16 -31.34 -18.60
C ASP A 271 -5.41 -31.57 -17.76
N LYS A 272 -5.24 -32.12 -16.56
CA LYS A 272 -6.37 -32.39 -15.68
C LYS A 272 -6.39 -31.42 -14.51
N GLY A 273 -5.47 -30.47 -14.51
CA GLY A 273 -5.50 -29.41 -13.52
C GLY A 273 -4.22 -29.20 -12.73
N ARG A 274 -3.20 -30.01 -12.98
CA ARG A 274 -1.92 -29.82 -12.30
C ARG A 274 -1.34 -28.45 -12.69
N TYR A 275 -1.34 -28.18 -13.98
CA TYR A 275 -0.94 -26.88 -14.50
C TYR A 275 -2.14 -26.08 -14.98
N GLY A 276 -3.21 -26.77 -15.34
CA GLY A 276 -4.40 -26.08 -15.80
C GLY A 276 -4.17 -25.32 -17.09
N PHE A 277 -4.58 -24.06 -17.11
CA PHE A 277 -4.42 -23.21 -18.30
C PHE A 277 -2.95 -22.89 -18.56
N ILE A 278 -2.13 -23.01 -17.54
CA ILE A 278 -0.73 -22.64 -17.65
C ILE A 278 0.12 -23.86 -17.98
N LEU A 279 -0.28 -24.58 -19.02
CA LEU A 279 0.43 -25.78 -19.45
C LEU A 279 1.82 -25.39 -19.95
N PRO A 280 2.87 -26.05 -19.45
CA PRO A 280 4.24 -25.72 -19.88
C PRO A 280 4.45 -25.95 -21.36
N GLU A 281 5.29 -25.13 -21.98
CA GLU A 281 5.54 -25.24 -23.41
C GLU A 281 6.15 -26.61 -23.74
N SER A 282 6.76 -27.24 -22.74
CA SER A 282 7.37 -28.55 -22.94
C SER A 282 6.34 -29.66 -23.17
N GLN A 283 5.05 -29.35 -22.98
CA GLN A 283 4.00 -30.31 -23.26
C GLN A 283 3.24 -30.00 -24.56
N ILE A 284 3.63 -28.92 -25.24
CA ILE A 284 2.92 -28.53 -26.46
C ILE A 284 3.01 -29.61 -27.52
N GLN A 285 4.21 -30.10 -27.79
CA GLN A 285 4.41 -31.10 -28.82
C GLN A 285 3.61 -32.39 -28.58
N ALA A 286 3.73 -32.96 -27.38
CA ALA A 286 3.05 -34.20 -27.07
C ALA A 286 1.53 -34.01 -27.10
N THR A 287 1.06 -32.89 -26.57
CA THR A 287 -0.37 -32.57 -26.55
C THR A 287 -0.92 -32.50 -27.96
N CYS A 288 -0.18 -31.82 -28.85
CA CYS A 288 -0.66 -31.60 -30.20
C CYS A 288 -0.60 -32.86 -31.03
N GLU A 289 0.46 -33.64 -30.87
CA GLU A 289 0.62 -34.88 -31.63
C GLU A 289 -0.49 -35.88 -31.32
N GLU A 290 -0.81 -36.05 -30.04
CA GLU A 290 -1.87 -36.97 -29.67
C GLU A 290 -3.23 -36.45 -30.13
N THR A 291 -3.44 -35.14 -30.03
CA THR A 291 -4.69 -34.54 -30.47
C THR A 291 -4.87 -34.70 -31.98
N MET A 292 -3.77 -34.56 -32.73
CA MET A 292 -3.79 -34.82 -34.18
C MET A 292 -4.40 -36.17 -34.50
N LEU A 293 -4.05 -37.20 -33.74
CA LEU A 293 -4.53 -38.55 -34.02
C LEU A 293 -6.04 -38.63 -33.89
N ALA A 294 -6.59 -37.91 -32.91
CA ALA A 294 -8.03 -37.93 -32.69
C ALA A 294 -8.75 -37.14 -33.78
N ILE A 295 -8.17 -36.01 -34.19
CA ILE A 295 -8.77 -35.19 -35.24
C ILE A 295 -8.73 -35.95 -36.57
N LYS A 296 -7.61 -36.60 -36.85
CA LYS A 296 -7.51 -37.39 -38.07
C LYS A 296 -8.43 -38.61 -38.04
N TYR A 297 -8.65 -39.18 -36.86
CA TYR A 297 -9.57 -40.32 -36.77
C TYR A 297 -10.98 -39.86 -37.11
N VAL A 298 -11.37 -38.71 -36.59
CA VAL A 298 -12.69 -38.16 -36.85
C VAL A 298 -12.85 -37.78 -38.31
N THR A 299 -11.80 -37.21 -38.89
CA THR A 299 -11.85 -36.81 -40.29
C THR A 299 -12.02 -38.04 -41.19
N ASN A 300 -11.27 -39.10 -40.89
CA ASN A 300 -11.35 -40.35 -41.65
C ASN A 300 -12.77 -40.90 -41.60
N TYR A 301 -13.39 -40.82 -40.43
CA TYR A 301 -14.76 -41.32 -40.26
C TYR A 301 -15.73 -40.47 -41.07
N VAL A 302 -15.64 -39.16 -40.91
CA VAL A 302 -16.57 -38.25 -41.58
C VAL A 302 -16.46 -38.40 -43.10
N LEU A 303 -15.23 -38.50 -43.59
CA LEU A 303 -15.01 -38.66 -45.02
C LEU A 303 -15.71 -39.90 -45.55
N GLY A 304 -15.62 -40.99 -44.79
CA GLY A 304 -16.24 -42.23 -45.21
C GLY A 304 -17.76 -42.15 -45.18
N HIS A 305 -18.28 -41.17 -44.45
CA HIS A 305 -19.72 -40.99 -44.33
C HIS A 305 -20.19 -39.68 -44.97
N LEU A 306 -19.88 -39.49 -46.25
CA LEU A 306 -20.41 -38.37 -47.00
C LEU A 306 -21.65 -38.78 -47.80
N GLY B 3 -14.79 -23.17 -1.47
CA GLY B 3 -15.90 -22.22 -1.40
C GLY B 3 -15.56 -21.03 -0.52
N HIS B 4 -16.50 -20.09 -0.43
CA HIS B 4 -16.32 -18.91 0.42
C HIS B 4 -16.62 -19.26 1.88
N SER B 5 -15.84 -18.68 2.79
CA SER B 5 -16.13 -18.74 4.22
C SER B 5 -15.85 -17.40 4.86
N TYR B 6 -16.73 -16.99 5.78
CA TYR B 6 -16.54 -15.72 6.47
C TYR B 6 -15.49 -15.83 7.57
N GLU B 7 -15.10 -17.06 7.90
CA GLU B 7 -14.07 -17.29 8.91
C GLU B 7 -12.79 -17.90 8.35
N LYS B 8 -12.61 -17.78 7.03
CA LYS B 8 -11.33 -18.05 6.41
C LYS B 8 -10.96 -16.87 5.52
N TYR B 9 -9.68 -16.70 5.23
CA TYR B 9 -9.29 -15.69 4.25
C TYR B 9 -9.53 -16.26 2.86
N ASN B 10 -10.26 -15.51 2.05
CA ASN B 10 -10.69 -15.98 0.73
C ASN B 10 -9.86 -15.33 -0.38
N ASN B 11 -9.51 -16.11 -1.41
CA ASN B 11 -8.76 -15.51 -2.52
C ASN B 11 -9.69 -14.64 -3.38
N TRP B 12 -9.11 -13.86 -4.28
CA TRP B 12 -9.91 -12.89 -5.01
C TRP B 12 -11.03 -13.55 -5.80
N GLU B 13 -10.72 -14.66 -6.46
CA GLU B 13 -11.72 -15.33 -7.28
C GLU B 13 -12.92 -15.69 -6.41
N THR B 14 -12.66 -16.14 -5.20
CA THR B 14 -13.73 -16.50 -4.26
C THR B 14 -14.49 -15.27 -3.78
N ILE B 15 -13.77 -14.21 -3.43
CA ILE B 15 -14.41 -12.96 -3.03
C ILE B 15 -15.30 -12.42 -4.15
N GLU B 16 -14.78 -12.42 -5.38
CA GLU B 16 -15.53 -11.93 -6.52
C GLU B 16 -16.84 -12.72 -6.68
N ALA B 17 -16.75 -14.04 -6.61
CA ALA B 17 -17.93 -14.89 -6.73
C ALA B 17 -18.89 -14.59 -5.59
N TRP B 18 -18.33 -14.33 -4.41
CA TRP B 18 -19.14 -13.97 -3.26
C TRP B 18 -19.92 -12.65 -3.50
N THR B 19 -19.28 -11.66 -4.10
CA THR B 19 -19.97 -10.40 -4.33
C THR B 19 -21.19 -10.61 -5.23
N LYS B 20 -21.09 -11.53 -6.18
CA LYS B 20 -22.22 -11.85 -7.04
C LYS B 20 -23.29 -12.59 -6.25
N GLN B 21 -22.88 -13.62 -5.54
CA GLN B 21 -23.80 -14.47 -4.79
C GLN B 21 -24.56 -13.70 -3.71
N VAL B 22 -23.84 -12.91 -2.92
CA VAL B 22 -24.48 -12.20 -1.81
C VAL B 22 -25.48 -11.17 -2.37
N THR B 23 -25.16 -10.60 -3.52
CA THR B 23 -26.05 -9.63 -4.16
C THR B 23 -27.26 -10.31 -4.78
N SER B 24 -27.03 -11.44 -5.45
CA SER B 24 -28.11 -12.18 -6.08
C SER B 24 -29.15 -12.63 -5.06
N GLU B 25 -28.70 -12.99 -3.87
CA GLU B 25 -29.57 -13.54 -2.85
C GLU B 25 -30.28 -12.46 -2.03
N ASN B 26 -29.78 -11.24 -2.11
CA ASN B 26 -30.33 -10.15 -1.30
C ASN B 26 -30.50 -8.86 -2.11
N PRO B 27 -31.22 -8.93 -3.24
CA PRO B 27 -31.36 -7.76 -4.11
C PRO B 27 -32.18 -6.64 -3.48
N ASP B 28 -32.92 -6.99 -2.43
CA ASP B 28 -33.72 -6.01 -1.72
C ASP B 28 -32.89 -5.15 -0.77
N LEU B 29 -31.62 -5.53 -0.58
CA LEU B 29 -30.74 -4.81 0.33
C LEU B 29 -29.37 -4.49 -0.27
N ILE B 30 -29.01 -5.19 -1.34
CA ILE B 30 -27.69 -5.03 -1.96
C ILE B 30 -27.78 -4.85 -3.47
N SER B 31 -27.13 -3.81 -3.98
CA SER B 31 -26.82 -3.74 -5.40
C SER B 31 -25.31 -3.70 -5.61
N ARG B 32 -24.85 -4.36 -6.66
CA ARG B 32 -23.42 -4.40 -6.96
C ARG B 32 -23.11 -3.63 -8.24
N THR B 33 -22.11 -2.78 -8.18
CA THR B 33 -21.62 -2.11 -9.37
C THR B 33 -20.11 -2.25 -9.39
N ALA B 34 -19.50 -1.94 -10.53
CA ALA B 34 -18.05 -1.82 -10.61
C ALA B 34 -17.78 -0.33 -10.81
N ILE B 35 -16.77 0.20 -10.14
CA ILE B 35 -16.46 1.63 -10.26
C ILE B 35 -15.19 1.87 -11.07
N GLY B 36 -14.61 0.78 -11.57
CA GLY B 36 -13.41 0.90 -12.39
C GLY B 36 -12.72 -0.43 -12.53
N THR B 37 -11.57 -0.44 -13.20
CA THR B 37 -10.78 -1.65 -13.33
C THR B 37 -9.38 -1.39 -12.78
N THR B 38 -8.75 -2.42 -12.25
CA THR B 38 -7.39 -2.29 -11.72
C THR B 38 -6.40 -2.25 -12.88
N PHE B 39 -5.12 -2.05 -12.54
CA PHE B 39 -4.05 -2.04 -13.53
C PHE B 39 -4.05 -3.33 -14.35
N LEU B 40 -4.38 -4.45 -13.72
CA LEU B 40 -4.36 -5.74 -14.38
C LEU B 40 -5.74 -6.20 -14.86
N GLY B 41 -6.72 -5.30 -14.84
CA GLY B 41 -8.00 -5.58 -15.46
C GLY B 41 -9.06 -6.26 -14.60
N ASN B 42 -8.83 -6.34 -13.29
CA ASN B 42 -9.83 -6.89 -12.39
C ASN B 42 -10.92 -5.85 -12.08
N ASN B 43 -12.13 -6.30 -11.79
CA ASN B 43 -13.24 -5.39 -11.53
C ASN B 43 -13.27 -4.91 -10.09
N ILE B 44 -13.24 -3.59 -9.90
CA ILE B 44 -13.32 -3.03 -8.56
C ILE B 44 -14.77 -2.91 -8.16
N TYR B 45 -15.27 -3.89 -7.41
CA TYR B 45 -16.68 -3.94 -7.04
C TYR B 45 -16.99 -3.01 -5.87
N LEU B 46 -18.20 -2.46 -5.89
CA LEU B 46 -18.72 -1.67 -4.79
C LEU B 46 -20.11 -2.19 -4.47
N LEU B 47 -20.36 -2.50 -3.21
CA LEU B 47 -21.69 -2.97 -2.81
C LEU B 47 -22.44 -1.86 -2.10
N LYS B 48 -23.63 -1.54 -2.60
CA LYS B 48 -24.47 -0.54 -1.97
C LYS B 48 -25.45 -1.27 -1.08
N VAL B 49 -25.27 -1.15 0.23
CA VAL B 49 -26.07 -1.91 1.18
C VAL B 49 -27.08 -1.00 1.87
N GLY B 50 -28.34 -1.39 1.81
CA GLY B 50 -29.38 -0.55 2.38
C GLY B 50 -30.69 -0.72 1.63
N LYS B 51 -31.75 -0.19 2.22
CA LYS B 51 -33.09 -0.28 1.61
C LYS B 51 -33.25 0.86 0.62
N PRO B 52 -33.40 0.55 -0.67
CA PRO B 52 -33.45 1.60 -1.68
C PRO B 52 -34.53 2.65 -1.40
N GLY B 53 -34.20 3.91 -1.66
CA GLY B 53 -35.12 4.99 -1.37
C GLY B 53 -34.61 6.31 -1.91
N PRO B 54 -35.46 7.34 -1.96
CA PRO B 54 -35.11 8.64 -2.55
C PRO B 54 -34.14 9.45 -1.68
N ASN B 55 -33.14 10.04 -2.31
CA ASN B 55 -32.16 10.91 -1.66
C ASN B 55 -31.76 10.49 -0.24
N LYS B 56 -31.14 9.31 -0.14
CA LYS B 56 -30.61 8.85 1.13
C LYS B 56 -29.17 9.30 1.31
N PRO B 57 -28.79 9.71 2.54
CA PRO B 57 -27.37 9.93 2.84
C PRO B 57 -26.63 8.59 2.84
N ALA B 58 -25.30 8.64 2.86
CA ALA B 58 -24.52 7.43 2.76
C ALA B 58 -23.26 7.47 3.62
N ILE B 59 -22.80 6.29 4.04
CA ILE B 59 -21.50 6.13 4.65
C ILE B 59 -20.66 5.24 3.74
N PHE B 60 -19.43 5.67 3.45
CA PHE B 60 -18.56 4.92 2.55
C PHE B 60 -17.51 4.18 3.38
N MET B 61 -17.34 2.88 3.11
CA MET B 61 -16.32 2.10 3.80
C MET B 61 -15.56 1.22 2.82
N ASP B 62 -14.23 1.27 2.87
CA ASP B 62 -13.44 0.39 2.02
C ASP B 62 -12.48 -0.47 2.81
N CYS B 63 -12.12 -1.61 2.23
CA CYS B 63 -11.14 -2.52 2.81
C CYS B 63 -10.10 -2.86 1.77
N GLY B 64 -8.97 -3.42 2.21
CA GLY B 64 -8.03 -3.99 1.27
C GLY B 64 -7.19 -3.00 0.48
N PHE B 65 -6.92 -1.83 1.05
CA PHE B 65 -5.96 -0.91 0.47
C PHE B 65 -4.60 -1.60 0.36
N HIS B 66 -4.19 -2.24 1.46
CA HIS B 66 -2.86 -2.83 1.54
C HIS B 66 -2.96 -4.36 1.48
N ALA B 67 -2.22 -4.94 0.54
CA ALA B 67 -2.45 -6.31 0.11
C ALA B 67 -2.33 -7.34 1.24
N ARG B 68 -1.35 -7.15 2.10
CA ARG B 68 -1.04 -8.13 3.15
C ARG B 68 -1.96 -8.08 4.37
N GLU B 69 -2.77 -7.03 4.48
CA GLU B 69 -3.62 -6.84 5.64
C GLU B 69 -4.92 -7.62 5.47
N TRP B 70 -4.81 -8.95 5.47
CA TRP B 70 -5.92 -9.81 5.09
C TRP B 70 -7.15 -9.71 5.98
N ILE B 71 -6.98 -9.26 7.22
CA ILE B 71 -8.14 -9.18 8.12
C ILE B 71 -9.04 -8.02 7.68
N SER B 72 -8.46 -7.05 6.97
CA SER B 72 -9.22 -5.95 6.41
C SER B 72 -10.28 -6.47 5.43
N HIS B 73 -9.84 -7.25 4.47
CA HIS B 73 -10.72 -7.80 3.44
C HIS B 73 -11.82 -8.61 4.12
N ALA B 74 -11.43 -9.38 5.13
CA ALA B 74 -12.36 -10.27 5.83
C ALA B 74 -13.49 -9.47 6.48
N PHE B 75 -13.16 -8.29 7.01
CA PHE B 75 -14.15 -7.51 7.74
C PHE B 75 -15.26 -6.96 6.85
N CYS B 76 -14.90 -6.43 5.69
CA CYS B 76 -15.92 -5.89 4.79
C CYS B 76 -16.92 -6.98 4.44
N GLN B 77 -16.44 -8.20 4.27
CA GLN B 77 -17.34 -9.30 3.97
C GLN B 77 -18.23 -9.58 5.17
N TRP B 78 -17.64 -9.62 6.35
CA TRP B 78 -18.39 -9.85 7.58
C TRP B 78 -19.50 -8.82 7.76
N PHE B 79 -19.18 -7.55 7.49
CA PHE B 79 -20.13 -6.46 7.68
C PHE B 79 -21.36 -6.66 6.81
N VAL B 80 -21.14 -7.00 5.55
CA VAL B 80 -22.24 -7.18 4.61
C VAL B 80 -23.19 -8.28 5.07
N ARG B 81 -22.64 -9.40 5.55
CA ARG B 81 -23.52 -10.46 6.04
C ARG B 81 -24.34 -9.99 7.23
N GLU B 82 -23.68 -9.36 8.19
CA GLU B 82 -24.38 -8.87 9.38
C GLU B 82 -25.52 -7.94 8.99
N ALA B 83 -25.25 -7.04 8.04
CA ALA B 83 -26.25 -6.06 7.63
C ALA B 83 -27.50 -6.74 7.07
N VAL B 84 -27.32 -7.64 6.10
CA VAL B 84 -28.48 -8.23 5.44
C VAL B 84 -29.21 -9.24 6.32
N LEU B 85 -28.48 -9.93 7.20
CA LEU B 85 -29.09 -10.93 8.06
C LEU B 85 -29.92 -10.33 9.19
N THR B 86 -29.47 -9.21 9.74
CA THR B 86 -30.14 -8.62 10.89
C THR B 86 -31.13 -7.52 10.53
N TYR B 87 -31.15 -7.12 9.26
CA TYR B 87 -32.12 -6.12 8.83
C TYR B 87 -33.55 -6.60 9.11
N GLY B 88 -34.32 -5.77 9.79
CA GLY B 88 -35.69 -6.13 10.12
C GLY B 88 -35.84 -6.73 11.50
N TYR B 89 -34.72 -7.09 12.13
CA TYR B 89 -34.76 -7.77 13.42
C TYR B 89 -33.98 -7.03 14.51
N GLU B 90 -32.82 -6.51 14.15
CA GLU B 90 -32.08 -5.65 15.08
C GLU B 90 -32.44 -4.19 14.81
N SER B 91 -33.00 -3.52 15.81
CA SER B 91 -33.62 -2.22 15.58
C SER B 91 -32.66 -1.19 14.99
N HIS B 92 -31.43 -1.17 15.47
CA HIS B 92 -30.47 -0.18 15.01
C HIS B 92 -30.04 -0.38 13.56
N MET B 93 -29.66 -1.61 13.21
CA MET B 93 -29.27 -1.91 11.83
C MET B 93 -30.45 -1.68 10.89
N THR B 94 -31.66 -1.97 11.39
CA THR B 94 -32.85 -1.74 10.58
C THR B 94 -33.01 -0.24 10.30
N GLU B 95 -32.87 0.57 11.33
CA GLU B 95 -32.95 2.01 11.15
C GLU B 95 -31.84 2.50 10.24
N PHE B 96 -30.64 1.94 10.41
CA PHE B 96 -29.51 2.34 9.57
C PHE B 96 -29.83 2.15 8.10
N LEU B 97 -30.25 0.95 7.74
CA LEU B 97 -30.42 0.62 6.33
C LEU B 97 -31.66 1.27 5.72
N ASN B 98 -32.59 1.69 6.57
CA ASN B 98 -33.76 2.41 6.09
C ASN B 98 -33.43 3.87 5.79
N LYS B 99 -32.58 4.46 6.63
CA LYS B 99 -32.29 5.89 6.54
C LYS B 99 -31.08 6.22 5.67
N LEU B 100 -30.14 5.29 5.58
CA LEU B 100 -28.93 5.54 4.80
C LEU B 100 -28.50 4.34 3.98
N ASP B 101 -27.52 4.54 3.11
CA ASP B 101 -26.87 3.44 2.41
C ASP B 101 -25.44 3.34 2.87
N PHE B 102 -24.92 2.12 2.99
CA PHE B 102 -23.49 1.89 3.15
C PHE B 102 -22.93 1.53 1.79
N TYR B 103 -21.95 2.29 1.31
CA TYR B 103 -21.19 1.86 0.14
C TYR B 103 -19.99 1.07 0.66
N VAL B 104 -19.95 -0.22 0.36
CA VAL B 104 -18.88 -1.09 0.85
C VAL B 104 -17.99 -1.55 -0.29
N LEU B 105 -16.72 -1.18 -0.22
CA LEU B 105 -15.77 -1.57 -1.26
C LEU B 105 -14.90 -2.67 -0.68
N PRO B 106 -15.19 -3.93 -1.01
CA PRO B 106 -14.59 -5.11 -0.35
C PRO B 106 -13.07 -5.18 -0.46
N VAL B 107 -12.55 -4.92 -1.66
CA VAL B 107 -11.11 -4.94 -1.90
C VAL B 107 -10.75 -3.86 -2.92
N LEU B 108 -9.97 -2.87 -2.50
CA LEU B 108 -9.50 -1.86 -3.45
C LEU B 108 -8.33 -2.39 -4.25
N ASN B 109 -7.27 -2.78 -3.56
CA ASN B 109 -6.02 -3.17 -4.20
C ASN B 109 -6.06 -4.66 -4.54
N ILE B 110 -6.87 -5.00 -5.55
CA ILE B 110 -7.08 -6.40 -5.93
C ILE B 110 -5.82 -7.05 -6.50
N ASP B 111 -5.09 -6.32 -7.35
CA ASP B 111 -3.89 -6.89 -7.95
C ASP B 111 -2.85 -7.27 -6.90
N GLY B 112 -2.67 -6.38 -5.92
CA GLY B 112 -1.74 -6.67 -4.85
C GLY B 112 -2.19 -7.85 -4.01
N TYR B 113 -3.48 -7.94 -3.75
CA TYR B 113 -4.02 -9.03 -2.94
C TYR B 113 -3.72 -10.39 -3.59
N ILE B 114 -3.95 -10.47 -4.90
CA ILE B 114 -3.67 -11.70 -5.64
C ILE B 114 -2.20 -12.07 -5.51
N TYR B 115 -1.34 -11.06 -5.58
CA TYR B 115 0.10 -11.28 -5.46
C TYR B 115 0.47 -11.83 -4.08
N THR B 116 -0.23 -11.42 -3.03
CA THR B 116 0.06 -11.97 -1.72
C THR B 116 -0.40 -13.43 -1.58
N TRP B 117 -1.28 -13.86 -2.49
CA TRP B 117 -1.74 -15.24 -2.50
C TRP B 117 -0.86 -16.15 -3.36
N THR B 118 -0.11 -15.55 -4.28
CA THR B 118 0.60 -16.34 -5.28
C THR B 118 2.11 -16.27 -5.18
N LYS B 119 2.64 -15.13 -4.73
CA LYS B 119 4.08 -14.89 -4.84
C LYS B 119 4.72 -14.44 -3.53
N ASN B 120 4.09 -13.49 -2.85
CA ASN B 120 4.71 -12.88 -1.69
C ASN B 120 3.69 -12.37 -0.68
N ARG B 121 3.49 -13.15 0.38
CA ARG B 121 2.49 -12.88 1.40
C ARG B 121 2.63 -11.49 2.02
N MET B 122 3.84 -10.92 1.98
CA MET B 122 4.10 -9.65 2.64
C MET B 122 4.05 -8.42 1.72
N TRP B 123 3.55 -8.61 0.51
CA TRP B 123 3.41 -7.49 -0.43
C TRP B 123 2.38 -6.48 0.07
N ARG B 124 2.61 -5.20 -0.22
CA ARG B 124 1.79 -4.11 0.31
C ARG B 124 1.14 -3.27 -0.79
N LYS B 125 1.93 -2.90 -1.79
CA LYS B 125 1.51 -1.90 -2.76
C LYS B 125 0.63 -2.48 -3.87
N THR B 126 0.37 -1.67 -4.89
CA THR B 126 -0.31 -2.15 -6.09
C THR B 126 0.70 -2.91 -6.94
N ARG B 127 0.32 -3.27 -8.16
CA ARG B 127 1.18 -4.05 -9.04
C ARG B 127 1.40 -3.36 -10.39
N SER B 128 1.24 -2.04 -10.42
CA SER B 128 1.48 -1.29 -11.63
C SER B 128 2.98 -1.11 -11.86
N THR B 129 3.37 -0.98 -13.12
CA THR B 129 4.77 -0.80 -13.45
C THR B 129 5.18 0.65 -13.24
N ASN B 130 6.47 0.87 -13.02
CA ASN B 130 7.02 2.20 -12.83
C ASN B 130 8.09 2.48 -13.87
N ALA B 131 8.07 3.68 -14.43
CA ALA B 131 9.01 4.05 -15.48
C ALA B 131 10.44 4.08 -14.97
N GLY B 132 11.37 3.54 -15.76
CA GLY B 132 12.78 3.68 -15.45
C GLY B 132 13.31 2.71 -14.42
N THR B 133 12.49 1.76 -13.99
CA THR B 133 12.87 0.84 -12.92
C THR B 133 12.15 -0.50 -13.04
N THR B 134 12.71 -1.53 -12.43
CA THR B 134 12.05 -2.83 -12.39
C THR B 134 11.15 -2.94 -11.17
N CYS B 135 11.25 -1.96 -10.27
CA CYS B 135 10.43 -1.97 -9.06
C CYS B 135 8.95 -1.74 -9.37
N ILE B 136 8.09 -2.49 -8.69
CA ILE B 136 6.67 -2.51 -8.99
C ILE B 136 5.84 -1.86 -7.90
N GLY B 137 4.79 -1.15 -8.30
CA GLY B 137 3.75 -0.78 -7.36
C GLY B 137 3.87 0.59 -6.71
N THR B 138 2.71 1.11 -6.32
CA THR B 138 2.59 2.36 -5.58
C THR B 138 1.83 2.06 -4.29
N ASP B 139 2.12 2.81 -3.23
CA ASP B 139 1.36 2.66 -1.99
C ASP B 139 0.04 3.43 -2.16
N PRO B 140 -1.08 2.71 -2.25
CA PRO B 140 -2.33 3.43 -2.53
C PRO B 140 -2.68 4.46 -1.46
N ASN B 141 -2.26 4.22 -0.22
CA ASN B 141 -2.56 5.16 0.85
C ASN B 141 -1.50 6.26 0.97
N ARG B 142 -0.72 6.43 -0.09
CA ARG B 142 0.10 7.63 -0.28
C ARG B 142 -0.24 8.31 -1.61
N ASN B 143 -1.29 7.82 -2.27
CA ASN B 143 -1.55 8.21 -3.66
C ASN B 143 -2.75 9.15 -3.80
N PHE B 144 -3.31 9.59 -2.68
CA PHE B 144 -4.45 10.51 -2.74
C PHE B 144 -4.03 11.96 -2.62
N ASP B 145 -4.90 12.86 -3.03
CA ASP B 145 -4.56 14.28 -3.14
C ASP B 145 -4.72 14.98 -1.79
N ALA B 146 -3.92 14.53 -0.82
CA ALA B 146 -3.95 15.08 0.54
C ALA B 146 -2.51 15.37 0.96
N GLY B 147 -2.12 16.64 0.88
CA GLY B 147 -0.73 16.98 1.10
C GLY B 147 0.22 16.06 0.34
N TRP B 148 -0.18 15.67 -0.86
CA TRP B 148 0.42 14.55 -1.57
C TRP B 148 1.95 14.59 -1.64
N CYS B 149 2.55 13.50 -1.19
CA CYS B 149 3.99 13.26 -1.24
C CYS B 149 4.84 14.35 -0.60
N THR B 150 4.29 15.03 0.41
CA THR B 150 5.05 16.08 1.10
C THR B 150 5.73 15.58 2.37
N THR B 151 5.20 14.54 2.97
CA THR B 151 5.79 13.96 4.17
C THR B 151 5.35 12.52 4.40
N GLY B 152 6.20 11.72 5.04
CA GLY B 152 5.85 10.34 5.34
C GLY B 152 5.62 9.51 4.09
N ALA B 153 6.19 9.94 2.98
CA ALA B 153 6.04 9.24 1.70
C ALA B 153 7.35 9.33 0.92
N SER B 154 7.61 8.32 0.08
CA SER B 154 8.85 8.27 -0.68
C SER B 154 8.61 8.53 -2.16
N THR B 155 9.57 9.22 -2.79
CA THR B 155 9.53 9.39 -4.24
C THR B 155 10.29 8.27 -4.96
N ASP B 156 10.82 7.33 -4.18
CA ASP B 156 11.52 6.17 -4.75
C ASP B 156 10.53 5.05 -5.03
N PRO B 157 10.41 4.64 -6.31
CA PRO B 157 9.43 3.60 -6.65
C PRO B 157 9.66 2.25 -5.98
N CYS B 158 10.85 2.04 -5.43
CA CYS B 158 11.15 0.77 -4.77
C CYS B 158 10.70 0.72 -3.32
N ASP B 159 10.39 1.88 -2.75
CA ASP B 159 9.99 1.96 -1.35
C ASP B 159 8.56 1.47 -1.13
N GLU B 160 8.30 0.94 0.06
CA GLU B 160 6.97 0.47 0.42
C GLU B 160 5.95 1.60 0.50
N THR B 161 6.43 2.84 0.63
CA THR B 161 5.53 3.99 0.72
C THR B 161 5.67 4.92 -0.48
N TYR B 162 6.06 4.36 -1.63
CA TYR B 162 6.15 5.15 -2.85
C TYR B 162 4.82 5.84 -3.12
N CYS B 163 4.89 7.14 -3.41
CA CYS B 163 3.68 7.94 -3.48
C CYS B 163 3.09 7.98 -4.89
N GLY B 164 3.82 7.42 -5.84
CA GLY B 164 3.36 7.41 -7.22
C GLY B 164 3.91 8.58 -8.01
N SER B 165 3.54 8.67 -9.29
CA SER B 165 4.05 9.75 -10.13
C SER B 165 3.28 11.05 -9.91
N ALA B 166 2.05 10.93 -9.40
CA ALA B 166 1.21 12.08 -9.08
C ALA B 166 0.01 11.57 -8.29
N ALA B 167 -0.70 12.46 -7.61
CA ALA B 167 -1.89 12.04 -6.88
C ALA B 167 -2.87 11.41 -7.87
N GLU B 168 -3.45 10.28 -7.46
CA GLU B 168 -4.39 9.53 -8.28
C GLU B 168 -3.78 8.95 -9.55
N SER B 169 -2.47 8.73 -9.54
CA SER B 169 -1.82 8.11 -10.69
C SER B 169 -2.23 6.65 -10.85
N GLU B 170 -2.63 6.00 -9.77
CA GLU B 170 -3.08 4.61 -9.84
C GLU B 170 -4.53 4.54 -10.32
N LYS B 171 -4.83 3.55 -11.15
CA LYS B 171 -6.20 3.40 -11.64
C LYS B 171 -7.17 3.20 -10.48
N GLU B 172 -6.73 2.46 -9.46
CA GLU B 172 -7.61 2.10 -8.35
C GLU B 172 -7.97 3.32 -7.50
N THR B 173 -6.99 4.19 -7.25
CA THR B 173 -7.26 5.34 -6.40
C THR B 173 -8.04 6.41 -7.15
N LYS B 174 -7.78 6.53 -8.44
CA LYS B 174 -8.58 7.43 -9.29
C LYS B 174 -10.02 6.96 -9.33
N ALA B 175 -10.25 5.66 -9.46
CA ALA B 175 -11.61 5.14 -9.48
C ALA B 175 -12.35 5.46 -8.18
N LEU B 176 -11.66 5.31 -7.05
CA LEU B 176 -12.28 5.57 -5.76
C LEU B 176 -12.56 7.06 -5.58
N ALA B 177 -11.57 7.90 -5.88
CA ALA B 177 -11.75 9.33 -5.75
C ALA B 177 -12.85 9.82 -6.68
N ASP B 178 -12.90 9.28 -7.90
CA ASP B 178 -13.95 9.64 -8.86
C ASP B 178 -15.34 9.32 -8.33
N PHE B 179 -15.48 8.15 -7.71
CA PHE B 179 -16.78 7.76 -7.21
C PHE B 179 -17.22 8.65 -6.05
N ILE B 180 -16.29 8.96 -5.14
CA ILE B 180 -16.62 9.83 -4.03
C ILE B 180 -16.95 11.25 -4.51
N ARG B 181 -16.16 11.77 -5.46
CA ARG B 181 -16.47 13.10 -6.00
C ARG B 181 -17.85 13.15 -6.64
N ASN B 182 -18.23 12.08 -7.35
CA ASN B 182 -19.50 12.06 -8.06
C ASN B 182 -20.69 11.89 -7.11
N ASN B 183 -20.42 11.48 -5.89
CA ASN B 183 -21.48 11.24 -4.91
C ASN B 183 -21.27 12.06 -3.64
N LEU B 184 -20.51 13.13 -3.74
CA LEU B 184 -20.04 13.85 -2.57
C LEU B 184 -21.17 14.38 -1.70
N SER B 185 -22.26 14.82 -2.32
CA SER B 185 -23.34 15.45 -1.57
C SER B 185 -24.09 14.47 -0.66
N SER B 186 -23.98 13.17 -0.93
CA SER B 186 -24.70 12.19 -0.13
C SER B 186 -23.83 11.52 0.94
N ILE B 187 -22.52 11.50 0.73
CA ILE B 187 -21.63 10.80 1.65
C ILE B 187 -21.30 11.64 2.88
N LYS B 188 -21.66 11.12 4.05
CA LYS B 188 -21.53 11.87 5.30
C LYS B 188 -20.38 11.37 6.15
N ALA B 189 -19.90 10.16 5.87
CA ALA B 189 -18.81 9.58 6.63
C ALA B 189 -17.97 8.67 5.75
N TYR B 190 -16.68 8.59 6.04
CA TYR B 190 -15.77 7.74 5.29
C TYR B 190 -14.96 6.90 6.28
N LEU B 191 -14.97 5.58 6.08
CA LEU B 191 -14.28 4.65 6.96
C LEU B 191 -13.37 3.75 6.13
N THR B 192 -12.11 3.64 6.52
CA THR B 192 -11.18 2.80 5.77
C THR B 192 -10.49 1.83 6.72
N ILE B 193 -10.47 0.55 6.35
CA ILE B 193 -10.07 -0.52 7.27
C ILE B 193 -8.68 -1.04 6.95
N HIS B 194 -7.80 -1.02 7.95
CA HIS B 194 -6.44 -1.52 7.79
C HIS B 194 -6.12 -2.47 8.94
N SER B 195 -4.92 -3.05 8.93
CA SER B 195 -4.34 -3.66 10.13
C SER B 195 -2.82 -3.49 10.06
N TYR B 196 -2.10 -3.69 11.15
CA TYR B 196 -2.64 -3.98 12.47
C TYR B 196 -2.22 -2.84 13.41
N SER B 197 -2.72 -2.85 14.64
CA SER B 197 -2.27 -1.94 15.70
C SER B 197 -3.35 -1.65 16.73
N GLN B 198 -4.58 -2.01 16.40
CA GLN B 198 -5.72 -1.78 17.29
C GLN B 198 -5.84 -0.30 17.62
N MET B 199 -6.13 0.51 16.60
CA MET B 199 -6.32 1.95 16.78
C MET B 199 -7.50 2.45 15.95
N ILE B 200 -8.06 3.58 16.38
CA ILE B 200 -8.93 4.36 15.51
C ILE B 200 -8.27 5.72 15.26
N LEU B 201 -7.95 6.00 14.00
CA LEU B 201 -7.27 7.23 13.63
C LEU B 201 -8.22 8.15 12.90
N TYR B 202 -8.00 9.46 13.04
CA TYR B 202 -8.69 10.43 12.21
C TYR B 202 -7.69 11.50 11.74
N PRO B 203 -8.15 12.47 10.92
CA PRO B 203 -7.20 13.43 10.35
C PRO B 203 -6.52 14.28 11.43
N TYR B 204 -5.34 14.83 11.16
CA TYR B 204 -4.64 14.70 9.88
C TYR B 204 -3.42 13.79 9.98
N SER B 205 -3.03 13.21 8.84
CA SER B 205 -1.80 12.45 8.76
C SER B 205 -0.74 13.11 7.88
N TYR B 206 -1.15 14.04 7.02
CA TYR B 206 -0.16 14.74 6.20
C TYR B 206 0.34 16.02 6.85
N ASP B 207 -0.20 16.32 8.03
CA ASP B 207 0.19 17.52 8.77
C ASP B 207 -0.16 17.33 10.25
N TYR B 208 0.55 18.03 11.12
CA TYR B 208 0.26 17.95 12.55
C TYR B 208 -0.85 18.92 12.98
N LYS B 209 -1.31 19.74 12.05
CA LYS B 209 -2.46 20.60 12.29
C LYS B 209 -3.64 19.72 12.67
N LEU B 210 -4.55 20.24 13.48
CA LEU B 210 -5.72 19.48 13.88
C LEU B 210 -6.95 19.86 13.05
N PRO B 211 -7.83 18.88 12.80
CA PRO B 211 -9.09 19.16 12.09
C PRO B 211 -9.97 20.08 12.91
N GLU B 212 -10.84 20.85 12.25
CA GLU B 212 -11.63 21.82 12.97
C GLU B 212 -12.59 21.16 13.96
N ASN B 213 -13.05 19.95 13.65
CA ASN B 213 -13.87 19.22 14.60
C ASN B 213 -13.07 18.15 15.33
N ASN B 214 -11.82 18.48 15.65
CA ASN B 214 -10.93 17.56 16.36
C ASN B 214 -11.55 17.02 17.65
N ALA B 215 -12.18 17.89 18.43
CA ALA B 215 -12.72 17.48 19.72
C ALA B 215 -13.87 16.48 19.54
N GLU B 216 -14.73 16.75 18.57
CA GLU B 216 -15.86 15.87 18.29
C GLU B 216 -15.38 14.50 17.81
N LEU B 217 -14.39 14.50 16.94
CA LEU B 217 -13.83 13.25 16.42
C LEU B 217 -13.10 12.46 17.53
N ASN B 218 -12.42 13.17 18.42
CA ASN B 218 -11.72 12.52 19.51
C ASN B 218 -12.70 11.86 20.46
N ASN B 219 -13.80 12.56 20.75
CA ASN B 219 -14.80 12.07 21.68
C ASN B 219 -15.56 10.88 21.08
N LEU B 220 -15.78 10.91 19.78
CA LEU B 220 -16.45 9.82 19.10
C LEU B 220 -15.55 8.58 19.06
N ALA B 221 -14.27 8.79 18.76
CA ALA B 221 -13.33 7.68 18.72
C ALA B 221 -13.22 7.05 20.11
N LYS B 222 -13.15 7.89 21.14
CA LYS B 222 -13.07 7.41 22.51
C LYS B 222 -14.26 6.55 22.88
N ALA B 223 -15.46 6.98 22.48
CA ALA B 223 -16.67 6.23 22.80
C ALA B 223 -16.70 4.93 22.00
N ALA B 224 -16.20 4.98 20.76
CA ALA B 224 -16.23 3.82 19.88
C ALA B 224 -15.30 2.72 20.39
N VAL B 225 -14.12 3.09 20.90
CA VAL B 225 -13.18 2.09 21.39
C VAL B 225 -13.67 1.49 22.72
N LYS B 226 -14.39 2.28 23.50
CA LYS B 226 -14.97 1.77 24.74
C LYS B 226 -16.03 0.73 24.40
N GLU B 227 -16.84 1.02 23.40
CA GLU B 227 -17.87 0.09 22.95
C GLU B 227 -17.26 -1.19 22.39
N LEU B 228 -16.18 -1.07 21.65
CA LEU B 228 -15.52 -2.23 21.05
C LEU B 228 -15.01 -3.17 22.14
N ALA B 229 -14.51 -2.60 23.23
CA ALA B 229 -13.90 -3.39 24.29
C ALA B 229 -14.92 -4.23 25.05
N THR B 230 -16.20 -3.89 24.94
CA THR B 230 -17.22 -4.55 25.74
C THR B 230 -17.39 -6.03 25.38
N LEU B 231 -16.99 -6.40 24.16
CA LEU B 231 -17.26 -7.74 23.67
C LEU B 231 -16.23 -8.75 24.14
N TYR B 232 -14.95 -8.43 23.98
CA TYR B 232 -13.87 -9.36 24.32
C TYR B 232 -12.73 -8.68 25.09
N GLY B 233 -12.92 -7.42 25.48
CA GLY B 233 -11.93 -6.72 26.26
C GLY B 233 -10.76 -6.17 25.46
N THR B 234 -10.88 -6.21 24.14
CA THR B 234 -9.80 -5.75 23.27
C THR B 234 -9.59 -4.26 23.42
N LYS B 235 -8.34 -3.85 23.57
CA LYS B 235 -8.02 -2.45 23.85
C LYS B 235 -7.49 -1.71 22.62
N TYR B 236 -8.22 -0.69 22.20
CA TYR B 236 -7.78 0.18 21.10
C TYR B 236 -7.32 1.53 21.64
N THR B 237 -6.33 2.14 20.97
CA THR B 237 -6.02 3.55 21.20
C THR B 237 -6.53 4.37 20.02
N TYR B 238 -6.46 5.70 20.14
CA TYR B 238 -7.05 6.57 19.13
C TYR B 238 -6.45 7.97 19.12
N GLY B 239 -6.59 8.66 17.99
CA GLY B 239 -6.12 10.02 17.88
C GLY B 239 -5.86 10.43 16.44
N PRO B 240 -5.38 11.67 16.22
CA PRO B 240 -5.00 12.15 14.89
C PRO B 240 -3.88 11.30 14.31
N GLY B 241 -3.94 11.03 13.01
CA GLY B 241 -3.02 10.10 12.39
C GLY B 241 -1.53 10.40 12.59
N ALA B 242 -1.12 11.63 12.31
CA ALA B 242 0.31 11.93 12.29
C ALA B 242 0.94 11.70 13.66
N THR B 243 0.25 12.12 14.70
CA THR B 243 0.81 12.04 16.06
C THR B 243 0.63 10.66 16.67
N THR B 244 -0.43 9.97 16.25
CA THR B 244 -0.77 8.68 16.88
C THR B 244 0.01 7.50 16.30
N ILE B 245 0.32 7.56 15.01
CA ILE B 245 1.11 6.53 14.37
C ILE B 245 2.40 7.09 13.80
N TYR B 246 2.30 7.78 12.67
CA TYR B 246 3.41 8.53 12.10
C TYR B 246 2.90 9.37 10.94
N PRO B 247 3.69 10.36 10.49
CA PRO B 247 3.27 11.19 9.36
C PRO B 247 3.12 10.33 8.11
N ALA B 248 2.06 10.59 7.34
CA ALA B 248 1.79 9.80 6.15
C ALA B 248 0.91 10.61 5.21
N ALA B 249 1.52 11.37 4.31
CA ALA B 249 0.77 12.19 3.37
C ALA B 249 0.12 11.33 2.28
N GLY B 250 -0.97 11.84 1.70
CA GLY B 250 -1.60 11.16 0.60
C GLY B 250 -2.59 10.09 1.01
N GLY B 251 -3.04 10.14 2.26
CA GLY B 251 -4.00 9.17 2.74
C GLY B 251 -5.43 9.45 2.29
N SER B 252 -6.21 8.38 2.12
CA SER B 252 -7.57 8.52 1.61
C SER B 252 -8.51 9.13 2.65
N ASP B 253 -8.24 8.89 3.93
CA ASP B 253 -9.10 9.45 4.96
C ASP B 253 -8.92 10.96 5.05
N ASP B 254 -7.68 11.43 4.96
CA ASP B 254 -7.43 12.87 4.89
C ASP B 254 -8.05 13.49 3.64
N TRP B 255 -7.95 12.81 2.51
CA TRP B 255 -8.50 13.37 1.28
C TRP B 255 -10.01 13.49 1.39
N ALA B 256 -10.65 12.46 1.94
CA ALA B 256 -12.10 12.47 2.11
C ALA B 256 -12.52 13.61 3.01
N TYR B 257 -11.79 13.81 4.09
CA TYR B 257 -12.11 14.86 5.04
C TYR B 257 -12.00 16.22 4.37
N ASP B 258 -10.95 16.40 3.56
CA ASP B 258 -10.72 17.66 2.88
C ASP B 258 -11.77 17.95 1.80
N GLN B 259 -12.52 16.93 1.41
CA GLN B 259 -13.61 17.12 0.46
C GLN B 259 -14.90 17.52 1.17
N GLY B 260 -14.88 17.50 2.50
CA GLY B 260 -16.03 17.95 3.25
C GLY B 260 -16.73 16.85 4.01
N ILE B 261 -16.18 15.65 3.97
CA ILE B 261 -16.76 14.54 4.72
C ILE B 261 -16.22 14.58 6.15
N LYS B 262 -17.05 15.07 7.06
CA LYS B 262 -16.58 15.52 8.36
C LYS B 262 -16.21 14.37 9.28
N TYR B 263 -16.77 13.20 9.02
CA TYR B 263 -16.50 12.03 9.83
C TYR B 263 -15.67 11.05 9.02
N SER B 264 -14.37 11.05 9.26
CA SER B 264 -13.42 10.27 8.47
C SER B 264 -12.50 9.53 9.43
N PHE B 265 -12.50 8.21 9.34
CA PHE B 265 -11.71 7.38 10.25
C PHE B 265 -10.95 6.28 9.54
N THR B 266 -9.75 6.00 10.03
CA THR B 266 -9.01 4.80 9.66
C THR B 266 -9.03 3.86 10.86
N PHE B 267 -9.48 2.62 10.64
CA PHE B 267 -9.39 1.58 11.67
C PHE B 267 -8.17 0.72 11.43
N GLU B 268 -7.40 0.49 12.48
CA GLU B 268 -6.34 -0.52 12.45
C GLU B 268 -6.79 -1.67 13.34
N LEU B 269 -7.05 -2.83 12.73
CA LEU B 269 -7.61 -3.95 13.46
C LEU B 269 -6.53 -4.77 14.21
N ARG B 270 -6.91 -5.92 14.77
CA ARG B 270 -5.98 -6.78 15.51
C ARG B 270 -4.80 -7.22 14.63
N ASP B 271 -3.68 -7.59 15.25
CA ASP B 271 -3.46 -7.44 16.68
C ASP B 271 -2.48 -6.31 16.98
N LYS B 272 -1.60 -6.50 17.95
CA LYS B 272 -0.62 -5.47 18.26
C LYS B 272 0.81 -5.90 17.92
N GLY B 273 0.94 -7.01 17.21
CA GLY B 273 2.25 -7.39 16.72
C GLY B 273 2.63 -8.85 16.95
N ARG B 274 1.88 -9.57 17.78
CA ARG B 274 2.22 -10.96 18.05
C ARG B 274 2.20 -11.76 16.75
N TYR B 275 1.11 -11.63 15.99
CA TYR B 275 1.01 -12.24 14.68
C TYR B 275 1.11 -11.21 13.57
N GLY B 276 0.78 -9.96 13.88
CA GLY B 276 0.84 -8.92 12.89
C GLY B 276 -0.10 -9.16 11.72
N PHE B 277 0.43 -9.09 10.51
CA PHE B 277 -0.38 -9.28 9.30
C PHE B 277 -0.87 -10.71 9.15
N ILE B 278 -0.17 -11.66 9.77
CA ILE B 278 -0.53 -13.06 9.63
C ILE B 278 -1.43 -13.47 10.80
N LEU B 279 -2.50 -12.71 11.00
CA LEU B 279 -3.45 -13.01 12.07
C LEU B 279 -4.13 -14.35 11.78
N PRO B 280 -4.15 -15.25 12.78
CA PRO B 280 -4.78 -16.57 12.59
C PRO B 280 -6.24 -16.45 12.18
N GLU B 281 -6.68 -17.36 11.32
CA GLU B 281 -8.06 -17.37 10.87
C GLU B 281 -9.00 -17.61 12.06
N SER B 282 -8.47 -18.20 13.14
CA SER B 282 -9.28 -18.43 14.33
C SER B 282 -9.70 -17.14 15.05
N GLN B 283 -9.08 -16.02 14.67
CA GLN B 283 -9.40 -14.73 15.29
C GLN B 283 -10.29 -13.83 14.43
N ILE B 284 -10.60 -14.27 13.21
CA ILE B 284 -11.41 -13.47 12.31
C ILE B 284 -12.77 -13.15 12.93
N GLN B 285 -13.45 -14.16 13.44
CA GLN B 285 -14.78 -13.97 14.00
C GLN B 285 -14.81 -12.93 15.11
N ALA B 286 -13.93 -13.08 16.10
CA ALA B 286 -13.94 -12.19 17.25
C ALA B 286 -13.51 -10.78 16.85
N THR B 287 -12.55 -10.69 15.94
CA THR B 287 -12.05 -9.40 15.48
C THR B 287 -13.17 -8.64 14.76
N CYS B 288 -13.90 -9.34 13.88
CA CYS B 288 -14.94 -8.70 13.11
C CYS B 288 -16.12 -8.29 13.98
N GLU B 289 -16.50 -9.16 14.91
CA GLU B 289 -17.65 -8.87 15.76
C GLU B 289 -17.44 -7.63 16.65
N GLU B 290 -16.24 -7.48 17.21
CA GLU B 290 -15.97 -6.33 18.05
C GLU B 290 -15.83 -5.07 17.20
N THR B 291 -15.29 -5.23 16.00
CA THR B 291 -15.15 -4.10 15.09
C THR B 291 -16.52 -3.61 14.65
N MET B 292 -17.45 -4.53 14.44
CA MET B 292 -18.83 -4.17 14.10
C MET B 292 -19.43 -3.21 15.11
N LEU B 293 -19.14 -3.42 16.39
CA LEU B 293 -19.74 -2.58 17.44
C LEU B 293 -19.27 -1.14 17.31
N ALA B 294 -17.99 -0.97 16.96
CA ALA B 294 -17.43 0.36 16.76
C ALA B 294 -18.02 1.03 15.52
N ILE B 295 -18.14 0.29 14.43
CA ILE B 295 -18.70 0.83 13.19
C ILE B 295 -20.15 1.24 13.38
N LYS B 296 -20.92 0.41 14.08
CA LYS B 296 -22.33 0.72 14.34
C LYS B 296 -22.47 1.92 15.29
N TYR B 297 -21.54 2.06 16.22
CA TYR B 297 -21.58 3.20 17.13
C TYR B 297 -21.39 4.49 16.35
N VAL B 298 -20.42 4.49 15.46
CA VAL B 298 -20.12 5.65 14.64
C VAL B 298 -21.29 5.96 13.70
N THR B 299 -21.87 4.91 13.12
CA THR B 299 -22.99 5.09 12.20
C THR B 299 -24.17 5.72 12.91
N ASN B 300 -24.45 5.24 14.11
CA ASN B 300 -25.57 5.76 14.89
C ASN B 300 -25.33 7.24 15.20
N TYR B 301 -24.09 7.58 15.52
CA TYR B 301 -23.73 8.97 15.79
C TYR B 301 -23.97 9.83 14.54
N VAL B 302 -23.44 9.38 13.41
CA VAL B 302 -23.56 10.14 12.18
C VAL B 302 -25.01 10.35 11.79
N LEU B 303 -25.82 9.32 11.99
CA LEU B 303 -27.26 9.39 11.70
C LEU B 303 -27.88 10.55 12.48
N GLY B 304 -27.47 10.70 13.72
CA GLY B 304 -28.04 11.73 14.58
C GLY B 304 -27.56 13.12 14.22
N HIS B 305 -26.44 13.20 13.52
CA HIS B 305 -25.86 14.49 13.16
C HIS B 305 -25.76 14.64 11.65
N LEU B 306 -26.93 14.72 10.99
CA LEU B 306 -26.97 14.91 9.55
C LEU B 306 -27.30 16.37 9.21
N GLY C 3 41.65 14.95 14.56
CA GLY C 3 40.40 14.40 14.10
C GLY C 3 39.36 14.33 15.21
N HIS C 4 38.08 14.32 14.83
CA HIS C 4 37.01 14.33 15.81
C HIS C 4 36.80 12.95 16.44
N SER C 5 36.48 12.95 17.73
CA SER C 5 36.06 11.73 18.41
C SER C 5 34.98 12.04 19.44
N TYR C 6 33.95 11.21 19.49
CA TYR C 6 32.88 11.40 20.47
C TYR C 6 33.31 10.96 21.87
N GLU C 7 34.45 10.31 21.97
CA GLU C 7 34.95 9.83 23.25
C GLU C 7 36.28 10.48 23.64
N LYS C 8 36.60 11.60 23.00
CA LYS C 8 37.68 12.46 23.46
C LYS C 8 37.13 13.88 23.52
N TYR C 9 37.84 14.77 24.21
CA TYR C 9 37.49 16.19 24.17
C TYR C 9 38.11 16.82 22.93
N ASN C 10 37.29 17.52 22.15
CA ASN C 10 37.73 18.10 20.89
C ASN C 10 37.93 19.61 21.01
N ASN C 11 38.99 20.13 20.38
CA ASN C 11 39.20 21.58 20.43
C ASN C 11 38.22 22.26 19.48
N TRP C 12 38.16 23.59 19.53
CA TRP C 12 37.12 24.28 18.79
C TRP C 12 37.25 24.09 17.29
N GLU C 13 38.48 24.13 16.77
CA GLU C 13 38.67 23.92 15.34
C GLU C 13 38.03 22.60 14.92
N THR C 14 38.21 21.58 15.74
CA THR C 14 37.66 20.26 15.45
C THR C 14 36.14 20.20 15.59
N ILE C 15 35.60 20.91 16.58
CA ILE C 15 34.16 20.94 16.75
C ILE C 15 33.50 21.72 15.61
N GLU C 16 34.10 22.86 15.25
CA GLU C 16 33.59 23.64 14.12
C GLU C 16 33.57 22.79 12.86
N ALA C 17 34.69 22.12 12.58
CA ALA C 17 34.76 21.23 11.43
C ALA C 17 33.73 20.11 11.52
N TRP C 18 33.47 19.64 12.74
CA TRP C 18 32.48 18.60 12.95
C TRP C 18 31.07 19.08 12.62
N THR C 19 30.75 20.32 12.98
CA THR C 19 29.41 20.85 12.71
C THR C 19 29.15 20.89 11.21
N LYS C 20 30.19 21.23 10.45
CA LYS C 20 30.08 21.26 9.00
C LYS C 20 29.88 19.84 8.46
N GLN C 21 30.70 18.91 8.92
CA GLN C 21 30.69 17.55 8.40
C GLN C 21 29.41 16.80 8.73
N VAL C 22 28.95 16.88 9.97
CA VAL C 22 27.78 16.12 10.38
C VAL C 22 26.53 16.65 9.70
N THR C 23 26.55 17.94 9.34
CA THR C 23 25.45 18.52 8.57
C THR C 23 25.48 18.00 7.14
N SER C 24 26.66 18.01 6.52
CA SER C 24 26.78 17.56 5.14
C SER C 24 26.44 16.08 5.01
N GLU C 25 26.69 15.31 6.05
CA GLU C 25 26.45 13.86 6.01
C GLU C 25 24.99 13.53 6.28
N ASN C 26 24.25 14.49 6.84
CA ASN C 26 22.86 14.26 7.24
C ASN C 26 21.97 15.42 6.81
N PRO C 27 21.89 15.68 5.51
CA PRO C 27 21.21 16.85 4.95
C PRO C 27 19.70 16.86 5.22
N ASP C 28 19.12 15.68 5.45
CA ASP C 28 17.68 15.59 5.64
C ASP C 28 17.30 15.55 7.11
N LEU C 29 18.25 15.87 7.98
CA LEU C 29 17.99 15.84 9.41
C LEU C 29 18.66 17.01 10.14
N ILE C 30 19.70 17.58 9.53
CA ILE C 30 20.46 18.63 10.20
C ILE C 30 20.69 19.85 9.31
N SER C 31 20.44 21.02 9.88
CA SER C 31 20.77 22.30 9.26
C SER C 31 21.70 23.04 10.21
N ARG C 32 22.61 23.85 9.68
CA ARG C 32 23.51 24.64 10.51
C ARG C 32 23.40 26.12 10.20
N THR C 33 23.35 26.95 11.24
CA THR C 33 23.42 28.39 11.07
C THR C 33 24.33 29.01 12.12
N ALA C 34 24.64 30.28 11.94
CA ALA C 34 25.37 31.04 12.95
C ALA C 34 24.44 32.09 13.53
N ILE C 35 24.34 32.15 14.86
CA ILE C 35 23.43 33.09 15.50
C ILE C 35 24.12 34.40 15.86
N GLY C 36 25.41 34.47 15.57
CA GLY C 36 26.17 35.67 15.90
C GLY C 36 27.65 35.34 15.99
N THR C 37 28.42 36.28 16.52
CA THR C 37 29.85 36.10 16.68
C THR C 37 30.29 36.45 18.10
N THR C 38 31.42 35.89 18.50
CA THR C 38 31.95 36.13 19.84
C THR C 38 32.76 37.43 19.87
N PHE C 39 33.20 37.80 21.07
CA PHE C 39 34.04 38.99 21.25
C PHE C 39 35.22 38.96 20.31
N LEU C 40 35.83 37.78 20.15
CA LEU C 40 37.03 37.63 19.32
C LEU C 40 36.69 37.35 17.86
N GLY C 41 35.40 37.22 17.57
CA GLY C 41 34.96 37.16 16.18
C GLY C 41 34.73 35.76 15.63
N ASN C 42 34.58 34.78 16.52
CA ASN C 42 34.29 33.41 16.08
C ASN C 42 32.78 33.24 15.87
N ASN C 43 32.40 32.50 14.83
CA ASN C 43 30.99 32.25 14.55
C ASN C 43 30.37 31.32 15.59
N ILE C 44 29.23 31.71 16.14
CA ILE C 44 28.52 30.88 17.11
C ILE C 44 27.52 29.99 16.38
N TYR C 45 27.91 28.74 16.13
CA TYR C 45 27.09 27.84 15.33
C TYR C 45 25.94 27.21 16.10
N LEU C 46 24.85 27.00 15.40
CA LEU C 46 23.67 26.33 15.97
C LEU C 46 23.22 25.26 14.97
N LEU C 47 22.96 24.06 15.47
CA LEU C 47 22.46 22.99 14.62
C LEU C 47 20.97 22.80 14.87
N LYS C 48 20.20 22.69 13.78
CA LYS C 48 18.79 22.35 13.90
C LYS C 48 18.64 20.89 13.48
N VAL C 49 18.25 20.05 14.43
CA VAL C 49 18.14 18.62 14.19
C VAL C 49 16.68 18.20 14.20
N GLY C 50 16.26 17.56 13.11
CA GLY C 50 14.88 17.14 13.01
C GLY C 50 14.44 17.02 11.55
N LYS C 51 13.39 16.25 11.32
CA LYS C 51 12.85 16.11 9.97
C LYS C 51 12.21 17.43 9.59
N PRO C 52 12.70 18.07 8.53
CA PRO C 52 12.22 19.40 8.15
C PRO C 52 10.71 19.45 7.94
N GLY C 53 10.09 20.55 8.36
CA GLY C 53 8.65 20.67 8.25
C GLY C 53 8.16 22.05 8.65
N PRO C 54 6.90 22.38 8.32
CA PRO C 54 6.27 23.65 8.68
C PRO C 54 5.85 23.68 10.15
N ASN C 55 5.91 24.88 10.74
CA ASN C 55 5.41 25.11 12.09
C ASN C 55 5.74 24.01 13.10
N LYS C 56 7.03 23.71 13.22
CA LYS C 56 7.48 22.73 14.20
C LYS C 56 7.84 23.40 15.53
N PRO C 57 7.30 22.87 16.63
CA PRO C 57 7.81 23.21 17.96
C PRO C 57 9.24 22.69 18.13
N ALA C 58 9.97 23.26 19.08
CA ALA C 58 11.36 22.89 19.25
C ALA C 58 11.74 22.76 20.72
N ILE C 59 12.81 22.02 20.97
CA ILE C 59 13.46 22.05 22.26
C ILE C 59 14.85 22.64 22.04
N PHE C 60 15.26 23.53 22.93
CA PHE C 60 16.53 24.21 22.76
C PHE C 60 17.50 23.72 23.81
N MET C 61 18.69 23.32 23.38
CA MET C 61 19.73 22.89 24.32
C MET C 61 21.06 23.54 23.97
N ASP C 62 21.69 24.15 24.95
CA ASP C 62 23.04 24.65 24.75
C ASP C 62 24.03 23.99 25.68
N CYS C 63 25.29 23.98 25.26
CA CYS C 63 26.39 23.45 26.06
C CYS C 63 27.48 24.50 26.03
N GLY C 64 28.45 24.37 26.93
CA GLY C 64 29.63 25.21 26.83
C GLY C 64 29.42 26.66 27.23
N PHE C 65 28.46 26.93 28.11
CA PHE C 65 28.39 28.24 28.74
C PHE C 65 29.72 28.55 29.43
N HIS C 66 30.19 27.60 30.22
CA HIS C 66 31.41 27.81 31.01
C HIS C 66 32.57 27.00 30.44
N ALA C 67 33.66 27.70 30.15
CA ALA C 67 34.69 27.17 29.26
C ALA C 67 35.31 25.88 29.77
N ARG C 68 35.54 25.81 31.08
CA ARG C 68 36.28 24.69 31.66
C ARG C 68 35.44 23.43 31.84
N GLU C 69 34.13 23.53 31.63
CA GLU C 69 33.25 22.37 31.85
C GLU C 69 33.17 21.49 30.60
N TRP C 70 34.30 20.86 30.27
CA TRP C 70 34.46 20.19 28.99
C TRP C 70 33.46 19.07 28.69
N ILE C 71 32.95 18.41 29.72
CA ILE C 71 32.00 17.32 29.49
C ILE C 71 30.69 17.86 28.93
N SER C 72 30.43 19.15 29.16
CA SER C 72 29.25 19.80 28.59
C SER C 72 29.33 19.82 27.07
N HIS C 73 30.42 20.37 26.54
CA HIS C 73 30.58 20.47 25.09
C HIS C 73 30.50 19.08 24.49
N ALA C 74 31.07 18.10 25.19
CA ALA C 74 31.11 16.72 24.72
C ALA C 74 29.72 16.14 24.58
N PHE C 75 28.83 16.49 25.51
CA PHE C 75 27.49 15.93 25.48
C PHE C 75 26.65 16.43 24.30
N CYS C 76 26.74 17.72 23.97
CA CYS C 76 25.97 18.23 22.84
C CYS C 76 26.35 17.48 21.56
N GLN C 77 27.63 17.18 21.40
CA GLN C 77 28.08 16.44 20.23
C GLN C 77 27.53 15.01 20.26
N TRP C 78 27.55 14.40 21.43
CA TRP C 78 27.06 13.04 21.58
C TRP C 78 25.56 12.96 21.24
N PHE C 79 24.80 13.95 21.70
CA PHE C 79 23.37 13.98 21.48
C PHE C 79 23.03 13.99 19.99
N VAL C 80 23.74 14.83 19.24
CA VAL C 80 23.48 14.95 17.81
C VAL C 80 23.68 13.62 17.10
N ARG C 81 24.76 12.92 17.44
CA ARG C 81 25.01 11.64 16.80
C ARG C 81 23.97 10.59 17.17
N GLU C 82 23.53 10.59 18.42
CA GLU C 82 22.48 9.66 18.84
C GLU C 82 21.21 9.93 18.04
N ALA C 83 20.93 11.20 17.81
CA ALA C 83 19.72 11.59 17.09
C ALA C 83 19.74 11.06 15.66
N VAL C 84 20.85 11.28 14.97
CA VAL C 84 20.96 10.87 13.57
C VAL C 84 21.10 9.35 13.44
N LEU C 85 21.72 8.72 14.43
CA LEU C 85 21.94 7.28 14.36
C LEU C 85 20.71 6.45 14.72
N THR C 86 19.83 6.98 15.56
CA THR C 86 18.66 6.22 16.00
C THR C 86 17.36 6.64 15.32
N TYR C 87 17.38 7.75 14.60
CA TYR C 87 16.18 8.17 13.89
C TYR C 87 15.84 7.15 12.82
N GLY C 88 14.58 6.71 12.81
CA GLY C 88 14.15 5.73 11.83
C GLY C 88 14.27 4.30 12.33
N TYR C 89 14.83 4.12 13.53
CA TYR C 89 15.01 2.80 14.10
C TYR C 89 14.24 2.62 15.40
N GLU C 90 14.42 3.56 16.31
CA GLU C 90 13.77 3.50 17.62
C GLU C 90 12.51 4.35 17.60
N SER C 91 11.47 3.87 18.27
CA SER C 91 10.18 4.54 18.21
C SER C 91 10.25 5.99 18.71
N HIS C 92 10.91 6.19 19.84
CA HIS C 92 10.92 7.51 20.47
C HIS C 92 11.64 8.58 19.65
N MET C 93 12.92 8.35 19.32
CA MET C 93 13.67 9.37 18.62
C MET C 93 13.03 9.68 17.26
N THR C 94 12.43 8.66 16.65
CA THR C 94 11.77 8.88 15.37
C THR C 94 10.60 9.84 15.55
N GLU C 95 9.76 9.56 16.55
CA GLU C 95 8.65 10.44 16.86
C GLU C 95 9.13 11.85 17.21
N PHE C 96 10.21 11.93 17.99
CA PHE C 96 10.77 13.22 18.41
C PHE C 96 11.10 14.12 17.22
N LEU C 97 11.89 13.59 16.28
CA LEU C 97 12.40 14.41 15.19
C LEU C 97 11.35 14.62 14.10
N ASN C 98 10.33 13.77 14.09
CA ASN C 98 9.21 13.99 13.18
C ASN C 98 8.38 15.18 13.64
N LYS C 99 8.08 15.22 14.94
CA LYS C 99 7.17 16.22 15.50
C LYS C 99 7.89 17.54 15.83
N LEU C 100 9.10 17.45 16.34
CA LEU C 100 9.79 18.66 16.77
C LEU C 100 11.22 18.78 16.22
N ASP C 101 11.80 19.97 16.37
CA ASP C 101 13.21 20.17 16.10
C ASP C 101 13.97 20.28 17.41
N PHE C 102 15.22 19.83 17.42
CA PHE C 102 16.14 20.20 18.49
C PHE C 102 17.08 21.29 17.99
N TYR C 103 17.13 22.41 18.69
CA TYR C 103 18.14 23.42 18.44
C TYR C 103 19.31 23.14 19.37
N VAL C 104 20.42 22.69 18.82
CA VAL C 104 21.57 22.30 19.63
C VAL C 104 22.69 23.31 19.41
N LEU C 105 23.06 24.03 20.47
CA LEU C 105 24.16 24.99 20.39
C LEU C 105 25.39 24.36 21.05
N PRO C 106 26.30 23.80 20.24
CA PRO C 106 27.37 22.97 20.79
C PRO C 106 28.27 23.69 21.78
N VAL C 107 28.61 24.93 21.47
CA VAL C 107 29.46 25.74 22.34
C VAL C 107 29.06 27.21 22.27
N LEU C 108 28.54 27.75 23.37
CA LEU C 108 28.21 29.17 23.40
C LEU C 108 29.47 30.01 23.57
N ASN C 109 30.22 29.72 24.64
CA ASN C 109 31.38 30.52 25.00
C ASN C 109 32.63 29.98 24.30
N ILE C 110 32.70 30.23 22.99
CA ILE C 110 33.77 29.69 22.16
C ILE C 110 35.13 30.30 22.50
N ASP C 111 35.16 31.60 22.75
CA ASP C 111 36.41 32.30 23.05
C ASP C 111 37.04 31.70 24.31
N GLY C 112 36.21 31.44 25.31
CA GLY C 112 36.70 30.88 26.56
C GLY C 112 37.16 29.45 26.40
N TYR C 113 36.44 28.68 25.59
CA TYR C 113 36.79 27.28 25.38
C TYR C 113 38.16 27.19 24.71
N ILE C 114 38.38 27.99 23.67
CA ILE C 114 39.68 28.06 23.04
C ILE C 114 40.76 28.38 24.06
N TYR C 115 40.46 29.31 24.96
CA TYR C 115 41.42 29.71 25.98
C TYR C 115 41.77 28.54 26.90
N THR C 116 40.80 27.67 27.19
CA THR C 116 41.08 26.55 28.08
C THR C 116 41.97 25.50 27.41
N TRP C 117 42.01 25.53 26.08
CA TRP C 117 42.86 24.62 25.32
C TRP C 117 44.26 25.19 25.09
N THR C 118 44.34 26.51 24.94
CA THR C 118 45.60 27.16 24.60
C THR C 118 46.39 27.64 25.82
N LYS C 119 45.68 28.12 26.83
CA LYS C 119 46.32 28.78 27.97
C LYS C 119 45.90 28.22 29.33
N ASN C 120 44.65 28.45 29.71
CA ASN C 120 44.22 28.28 31.09
C ASN C 120 43.04 27.30 31.19
N ARG C 121 43.34 26.06 31.54
CA ARG C 121 42.35 24.98 31.55
C ARG C 121 41.19 25.27 32.48
N MET C 122 41.41 26.16 33.44
CA MET C 122 40.40 26.46 34.45
C MET C 122 39.65 27.76 34.17
N TRP C 123 39.75 28.27 32.95
CA TRP C 123 39.02 29.50 32.61
C TRP C 123 37.52 29.22 32.60
N ARG C 124 36.72 30.21 33.01
CA ARG C 124 35.26 30.05 33.15
C ARG C 124 34.50 31.04 32.27
N LYS C 125 34.88 32.31 32.35
CA LYS C 125 34.10 33.41 31.79
C LYS C 125 34.29 33.56 30.29
N THR C 126 33.65 34.58 29.71
CA THR C 126 33.98 34.98 28.34
C THR C 126 35.37 35.61 28.30
N ARG C 127 35.79 36.14 27.16
CA ARG C 127 37.12 36.72 27.03
C ARG C 127 37.09 38.20 26.62
N SER C 128 35.96 38.86 26.86
CA SER C 128 35.83 40.28 26.53
C SER C 128 36.52 41.18 27.55
N THR C 129 36.88 42.38 27.11
CA THR C 129 37.55 43.33 27.97
C THR C 129 36.55 44.07 28.83
N ASN C 130 37.02 44.61 29.94
CA ASN C 130 36.18 45.31 30.89
C ASN C 130 36.66 46.74 31.10
N ALA C 131 35.72 47.66 31.28
CA ALA C 131 36.03 49.09 31.32
C ALA C 131 37.08 49.43 32.38
N GLY C 132 38.27 49.79 31.93
CA GLY C 132 39.25 50.39 32.83
C GLY C 132 40.10 49.44 33.65
N THR C 133 39.65 48.20 33.83
CA THR C 133 40.43 47.21 34.56
C THR C 133 41.11 46.23 33.61
N THR C 134 42.21 45.63 34.04
CA THR C 134 42.91 44.65 33.22
C THR C 134 42.20 43.29 33.23
N CYS C 135 41.29 43.11 34.18
CA CYS C 135 40.61 41.83 34.34
C CYS C 135 39.67 41.55 33.17
N ILE C 136 39.67 40.30 32.71
CA ILE C 136 38.98 39.90 31.48
C ILE C 136 37.75 39.04 31.79
N GLY C 137 36.66 39.29 31.07
CA GLY C 137 35.58 38.32 31.01
C GLY C 137 34.38 38.56 31.89
N THR C 138 33.23 38.09 31.43
CA THR C 138 31.99 38.14 32.20
C THR C 138 31.47 36.71 32.38
N ASP C 139 30.82 36.44 33.49
CA ASP C 139 30.18 35.13 33.66
C ASP C 139 28.90 35.09 32.82
N PRO C 140 28.89 34.30 31.74
CA PRO C 140 27.70 34.30 30.87
C PRO C 140 26.42 33.90 31.60
N ASN C 141 26.55 33.04 32.62
CA ASN C 141 25.36 32.61 33.36
C ASN C 141 25.01 33.51 34.53
N ARG C 142 25.55 34.74 34.51
CA ARG C 142 25.09 35.80 35.39
C ARG C 142 24.70 37.03 34.55
N ASN C 143 24.63 36.86 33.23
CA ASN C 143 24.55 38.00 32.32
C ASN C 143 23.17 38.12 31.66
N PHE C 144 22.24 37.27 32.07
CA PHE C 144 20.89 37.32 31.51
C PHE C 144 19.95 38.17 32.35
N ASP C 145 18.88 38.65 31.72
CA ASP C 145 17.98 39.60 32.36
C ASP C 145 16.96 38.85 33.21
N ALA C 146 17.44 38.19 34.26
CA ALA C 146 16.57 37.49 35.21
C ALA C 146 17.00 37.84 36.61
N GLY C 147 16.29 38.77 37.24
CA GLY C 147 16.74 39.31 38.51
C GLY C 147 18.20 39.70 38.46
N TRP C 148 18.61 40.28 37.33
CA TRP C 148 20.02 40.45 37.01
C TRP C 148 20.88 41.06 38.13
N CYS C 149 21.92 40.32 38.51
CA CYS C 149 22.95 40.74 39.45
C CYS C 149 22.43 41.05 40.87
N THR C 150 21.21 40.63 41.18
CA THR C 150 20.64 40.92 42.49
C THR C 150 21.16 40.02 43.59
N THR C 151 21.59 38.81 43.24
CA THR C 151 22.13 37.88 44.22
C THR C 151 23.08 36.85 43.60
N GLY C 152 24.07 36.43 44.37
CA GLY C 152 24.93 35.35 43.92
C GLY C 152 25.81 35.72 42.74
N ALA C 153 26.01 37.02 42.54
CA ALA C 153 26.84 37.51 41.43
C ALA C 153 27.74 38.62 41.93
N SER C 154 28.86 38.82 41.26
CA SER C 154 29.80 39.87 41.65
C SER C 154 29.74 41.04 40.69
N THR C 155 29.88 42.24 41.23
CA THR C 155 29.98 43.46 40.43
C THR C 155 31.44 43.79 40.12
N ASP C 156 32.35 42.92 40.55
CA ASP C 156 33.78 43.15 40.33
C ASP C 156 34.25 42.35 39.12
N PRO C 157 34.73 43.03 38.08
CA PRO C 157 35.10 42.35 36.83
C PRO C 157 36.22 41.33 37.01
N CYS C 158 36.93 41.41 38.12
CA CYS C 158 38.01 40.48 38.40
C CYS C 158 37.55 39.15 39.00
N ASP C 159 36.26 39.06 39.31
CA ASP C 159 35.73 37.84 39.94
C ASP C 159 35.11 36.89 38.92
N GLU C 160 35.09 35.60 39.24
CA GLU C 160 34.63 34.58 38.31
C GLU C 160 33.13 34.63 38.05
N THR C 161 32.39 35.28 38.95
CA THR C 161 30.94 35.40 38.77
C THR C 161 30.50 36.81 38.40
N TYR C 162 31.40 37.58 37.79
CA TYR C 162 31.09 38.94 37.38
C TYR C 162 29.85 38.95 36.47
N CYS C 163 28.89 39.81 36.80
CA CYS C 163 27.62 39.79 36.11
C CYS C 163 27.62 40.66 34.85
N GLY C 164 28.71 41.37 34.61
CA GLY C 164 28.79 42.22 33.43
C GLY C 164 28.35 43.64 33.70
N SER C 165 28.43 44.49 32.68
CA SER C 165 28.13 45.90 32.82
C SER C 165 26.64 46.16 32.71
N ALA C 166 25.92 45.20 32.13
CA ALA C 166 24.47 45.26 32.01
C ALA C 166 24.01 43.89 31.53
N ALA C 167 22.73 43.57 31.70
CA ALA C 167 22.23 42.31 31.17
C ALA C 167 22.48 42.30 29.67
N GLU C 168 22.95 41.15 29.17
CA GLU C 168 23.19 40.95 27.74
C GLU C 168 24.28 41.88 27.20
N SER C 169 25.20 42.27 28.08
CA SER C 169 26.33 43.10 27.70
C SER C 169 27.32 42.32 26.83
N GLU C 170 27.30 40.99 26.96
CA GLU C 170 28.21 40.16 26.17
C GLU C 170 27.62 39.84 24.81
N LYS C 171 28.46 39.84 23.78
CA LYS C 171 27.99 39.49 22.44
C LYS C 171 27.32 38.13 22.43
N GLU C 172 27.89 37.18 23.16
CA GLU C 172 27.44 35.80 23.08
C GLU C 172 26.07 35.60 23.73
N THR C 173 25.85 36.28 24.86
CA THR C 173 24.58 36.13 25.57
C THR C 173 23.48 36.92 24.86
N LYS C 174 23.85 38.06 24.28
CA LYS C 174 22.89 38.83 23.51
C LYS C 174 22.46 38.04 22.28
N ALA C 175 23.41 37.36 21.64
CA ALA C 175 23.09 36.54 20.47
C ALA C 175 22.12 35.41 20.84
N LEU C 176 22.33 34.80 21.99
CA LEU C 176 21.47 33.69 22.41
C LEU C 176 20.10 34.19 22.84
N ALA C 177 20.07 35.29 23.59
CA ALA C 177 18.80 35.86 24.04
C ALA C 177 18.00 36.32 22.82
N ASP C 178 18.67 36.98 21.88
CA ASP C 178 18.02 37.41 20.64
C ASP C 178 17.46 36.21 19.89
N PHE C 179 18.22 35.13 19.80
CA PHE C 179 17.75 33.97 19.06
C PHE C 179 16.50 33.38 19.68
N ILE C 180 16.51 33.23 21.00
CA ILE C 180 15.37 32.65 21.70
C ILE C 180 14.15 33.58 21.63
N ARG C 181 14.36 34.87 21.81
CA ARG C 181 13.26 35.84 21.68
C ARG C 181 12.63 35.79 20.29
N ASN C 182 13.46 35.66 19.25
CA ASN C 182 12.98 35.64 17.88
C ASN C 182 12.33 34.30 17.51
N ASN C 183 12.54 33.29 18.35
CA ASN C 183 12.00 31.97 18.07
C ASN C 183 11.15 31.40 19.21
N LEU C 184 10.58 32.29 20.03
CA LEU C 184 9.70 31.85 21.11
C LEU C 184 8.51 31.06 20.58
N SER C 185 8.14 31.32 19.34
CA SER C 185 6.98 30.64 18.75
C SER C 185 7.19 29.13 18.65
N SER C 186 8.45 28.69 18.57
CA SER C 186 8.71 27.26 18.46
C SER C 186 9.25 26.64 19.74
N ILE C 187 10.09 27.36 20.48
CA ILE C 187 10.81 26.77 21.61
C ILE C 187 9.92 26.52 22.84
N LYS C 188 9.72 25.25 23.17
CA LYS C 188 8.81 24.86 24.25
C LYS C 188 9.55 24.32 25.48
N ALA C 189 10.83 24.06 25.34
CA ALA C 189 11.64 23.67 26.49
C ALA C 189 13.07 24.18 26.30
N TYR C 190 13.72 24.52 27.40
CA TYR C 190 15.09 25.02 27.39
C TYR C 190 15.95 24.16 28.30
N LEU C 191 17.03 23.61 27.76
CA LEU C 191 17.94 22.77 28.53
C LEU C 191 19.36 23.32 28.41
N THR C 192 20.01 23.58 29.54
CA THR C 192 21.36 24.11 29.50
C THR C 192 22.29 23.21 30.30
N ILE C 193 23.40 22.81 29.69
CA ILE C 193 24.23 21.73 30.21
C ILE C 193 25.50 22.29 30.83
N HIS C 194 25.71 22.00 32.11
CA HIS C 194 26.93 22.41 32.82
C HIS C 194 27.56 21.18 33.48
N SER C 195 28.68 21.39 34.17
CA SER C 195 29.20 20.41 35.15
C SER C 195 29.97 21.21 36.21
N TYR C 196 30.22 20.63 37.39
CA TYR C 196 29.82 19.28 37.77
C TYR C 196 28.92 19.36 39.00
N SER C 197 28.38 18.21 39.43
CA SER C 197 27.66 18.07 40.71
C SER C 197 26.59 17.00 40.64
N GLN C 198 26.29 16.53 39.43
CA GLN C 198 25.25 15.54 39.22
C GLN C 198 23.90 16.01 39.80
N MET C 199 23.36 17.04 39.15
CA MET C 199 22.06 17.59 39.55
C MET C 199 21.21 17.95 38.33
N ILE C 200 19.90 17.91 38.52
CA ILE C 200 18.99 18.60 37.62
C ILE C 200 18.31 19.73 38.37
N LEU C 201 18.47 20.96 37.87
CA LEU C 201 17.91 22.13 38.53
C LEU C 201 16.79 22.75 37.68
N TYR C 202 15.78 23.30 38.35
CA TYR C 202 14.76 24.10 37.69
C TYR C 202 14.62 25.44 38.42
N PRO C 203 13.85 26.39 37.85
CA PRO C 203 13.79 27.72 38.49
C PRO C 203 13.21 27.65 39.90
N TYR C 204 13.50 28.65 40.74
CA TYR C 204 14.30 29.81 40.36
C TYR C 204 15.65 29.80 41.06
N SER C 205 16.62 30.49 40.46
CA SER C 205 17.92 30.67 41.09
C SER C 205 18.13 32.11 41.56
N TYR C 206 17.43 33.05 40.95
CA TYR C 206 17.62 34.46 41.33
C TYR C 206 16.76 34.88 42.52
N ASP C 207 15.88 33.98 42.96
CA ASP C 207 15.03 34.24 44.12
C ASP C 207 14.56 32.91 44.70
N TYR C 208 14.16 32.93 45.96
CA TYR C 208 13.72 31.70 46.63
C TYR C 208 12.29 31.31 46.30
N LYS C 209 11.61 32.14 45.51
CA LYS C 209 10.24 31.85 45.09
C LYS C 209 10.22 30.62 44.18
N LEU C 210 9.07 29.95 44.12
CA LEU C 210 8.93 28.77 43.27
C LEU C 210 8.16 29.10 42.00
N PRO C 211 8.48 28.40 40.89
CA PRO C 211 7.72 28.55 39.66
C PRO C 211 6.29 28.05 39.85
N GLU C 212 5.36 28.57 39.06
CA GLU C 212 3.95 28.23 39.18
C GLU C 212 3.73 26.73 39.02
N ASN C 213 4.48 26.10 38.11
CA ASN C 213 4.35 24.66 37.87
C ASN C 213 5.45 23.83 38.54
N ASN C 214 5.82 24.21 39.76
CA ASN C 214 6.94 23.55 40.44
C ASN C 214 6.65 22.08 40.75
N ALA C 215 5.38 21.73 40.95
CA ALA C 215 5.05 20.33 41.21
C ALA C 215 5.33 19.52 39.96
N GLU C 216 4.97 20.08 38.82
CA GLU C 216 5.22 19.45 37.52
C GLU C 216 6.72 19.32 37.25
N LEU C 217 7.45 20.42 37.47
CA LEU C 217 8.88 20.42 37.19
C LEU C 217 9.61 19.45 38.13
N ASN C 218 9.20 19.43 39.39
CA ASN C 218 9.83 18.55 40.36
C ASN C 218 9.59 17.07 40.06
N ASN C 219 8.37 16.74 39.66
CA ASN C 219 8.06 15.36 39.31
C ASN C 219 8.77 14.93 38.03
N LEU C 220 8.96 15.86 37.11
CA LEU C 220 9.69 15.58 35.88
C LEU C 220 11.17 15.34 36.17
N ALA C 221 11.75 16.20 37.01
CA ALA C 221 13.15 16.03 37.43
C ALA C 221 13.34 14.70 38.16
N LYS C 222 12.39 14.36 39.04
CA LYS C 222 12.48 13.13 39.81
C LYS C 222 12.53 11.92 38.89
N ALA C 223 11.62 11.87 37.92
CA ALA C 223 11.57 10.74 37.01
C ALA C 223 12.82 10.70 36.11
N ALA C 224 13.31 11.87 35.72
CA ALA C 224 14.47 11.94 34.83
C ALA C 224 15.74 11.41 35.49
N VAL C 225 15.91 11.69 36.78
CA VAL C 225 17.10 11.23 37.48
C VAL C 225 17.00 9.73 37.75
N LYS C 226 15.77 9.25 37.93
CA LYS C 226 15.53 7.81 38.05
C LYS C 226 15.93 7.11 36.76
N GLU C 227 15.51 7.67 35.63
CA GLU C 227 15.84 7.08 34.34
C GLU C 227 17.35 7.06 34.13
N LEU C 228 18.02 8.15 34.52
CA LEU C 228 19.45 8.29 34.32
C LEU C 228 20.21 7.23 35.10
N ALA C 229 19.72 6.94 36.31
CA ALA C 229 20.40 6.02 37.21
C ALA C 229 20.38 4.57 36.73
N THR C 230 19.46 4.24 35.82
CA THR C 230 19.26 2.86 35.42
C THR C 230 20.44 2.29 34.64
N LEU C 231 21.27 3.17 34.09
CA LEU C 231 22.34 2.70 33.22
C LEU C 231 23.58 2.26 33.99
N TYR C 232 24.12 3.16 34.82
CA TYR C 232 25.36 2.89 35.55
C TYR C 232 25.22 3.11 37.05
N GLY C 233 24.02 3.50 37.48
CA GLY C 233 23.78 3.68 38.90
C GLY C 233 24.17 5.06 39.41
N THR C 234 24.42 5.99 38.51
CA THR C 234 24.84 7.33 38.90
C THR C 234 23.71 8.06 39.59
N LYS C 235 24.00 8.67 40.73
CA LYS C 235 22.97 9.31 41.54
C LYS C 235 22.96 10.83 41.35
N TYR C 236 21.84 11.35 40.88
CA TYR C 236 21.65 12.79 40.73
C TYR C 236 20.70 13.27 41.81
N THR C 237 20.88 14.51 42.25
CA THR C 237 19.85 15.20 43.04
C THR C 237 19.17 16.24 42.16
N TYR C 238 18.13 16.88 42.68
CA TYR C 238 17.35 17.83 41.88
C TYR C 238 16.56 18.78 42.77
N GLY C 239 16.11 19.88 42.18
CA GLY C 239 15.33 20.84 42.91
C GLY C 239 15.49 22.23 42.33
N PRO C 240 14.84 23.24 42.95
CA PRO C 240 14.96 24.64 42.53
C PRO C 240 16.40 25.10 42.72
N GLY C 241 16.92 25.87 41.77
CA GLY C 241 18.34 26.20 41.79
C GLY C 241 18.80 26.85 43.08
N ALA C 242 18.03 27.81 43.57
CA ALA C 242 18.47 28.64 44.69
C ALA C 242 18.77 27.85 45.96
N THR C 243 17.95 26.83 46.22
CA THR C 243 18.09 26.05 47.45
C THR C 243 18.83 24.73 47.24
N THR C 244 19.01 24.35 45.98
CA THR C 244 19.64 23.07 45.68
C THR C 244 21.14 23.20 45.50
N ILE C 245 21.58 24.30 44.91
CA ILE C 245 23.01 24.56 44.79
C ILE C 245 23.39 25.86 45.49
N TYR C 246 22.95 26.99 44.94
CA TYR C 246 23.08 28.28 45.62
C TYR C 246 22.41 29.36 44.80
N PRO C 247 22.02 30.47 45.43
CA PRO C 247 21.43 31.59 44.69
C PRO C 247 22.39 32.09 43.61
N ALA C 248 21.86 32.33 42.42
CA ALA C 248 22.67 32.83 41.31
C ALA C 248 21.77 33.53 40.31
N ALA C 249 21.70 34.85 40.39
CA ALA C 249 20.82 35.63 39.54
C ALA C 249 21.41 35.77 38.14
N GLY C 250 20.56 36.04 37.16
CA GLY C 250 21.03 36.28 35.81
C GLY C 250 21.31 35.02 35.00
N GLY C 251 20.76 33.90 35.45
CA GLY C 251 20.97 32.63 34.76
C GLY C 251 20.07 32.48 33.55
N SER C 252 20.55 31.74 32.53
CA SER C 252 19.80 31.61 31.29
C SER C 252 18.53 30.80 31.49
N ASP C 253 18.55 29.80 32.39
CA ASP C 253 17.37 28.98 32.60
C ASP C 253 16.21 29.77 33.22
N ASP C 254 16.52 30.59 34.23
CA ASP C 254 15.49 31.45 34.82
C ASP C 254 14.95 32.44 33.79
N TRP C 255 15.84 32.98 32.97
CA TRP C 255 15.42 33.93 31.96
C TRP C 255 14.50 33.26 30.96
N ALA C 256 14.88 32.07 30.51
CA ALA C 256 14.08 31.34 29.53
C ALA C 256 12.70 31.09 30.11
N TYR C 257 12.64 30.67 31.37
CA TYR C 257 11.38 30.35 32.01
C TYR C 257 10.48 31.59 32.06
N ASP C 258 11.06 32.74 32.37
CA ASP C 258 10.28 33.96 32.47
C ASP C 258 9.84 34.51 31.12
N GLN C 259 10.36 33.95 30.03
CA GLN C 259 9.89 34.30 28.68
C GLN C 259 8.70 33.43 28.31
N GLY C 260 8.34 32.51 29.21
CA GLY C 260 7.17 31.69 28.99
C GLY C 260 7.48 30.25 28.61
N ILE C 261 8.77 29.91 28.55
CA ILE C 261 9.19 28.53 28.31
C ILE C 261 9.08 27.73 29.60
N LYS C 262 7.98 27.01 29.74
CA LYS C 262 7.61 26.46 31.04
C LYS C 262 8.41 25.24 31.45
N TYR C 263 9.13 24.65 30.51
CA TYR C 263 10.03 23.55 30.83
C TYR C 263 11.47 24.00 30.65
N SER C 264 12.13 24.33 31.76
CA SER C 264 13.46 24.90 31.71
C SER C 264 14.32 24.25 32.79
N PHE C 265 15.43 23.66 32.39
CA PHE C 265 16.27 22.88 33.31
C PHE C 265 17.74 23.16 33.08
N THR C 266 18.50 23.18 34.17
CA THR C 266 19.97 23.15 34.11
C THR C 266 20.44 21.75 34.52
N PHE C 267 21.28 21.13 33.70
CA PHE C 267 21.91 19.87 34.06
C PHE C 267 23.33 20.13 34.54
N GLU C 268 23.67 19.55 35.69
CA GLU C 268 25.06 19.48 36.14
C GLU C 268 25.53 18.04 36.01
N LEU C 269 26.43 17.77 35.08
CA LEU C 269 26.85 16.40 34.80
C LEU C 269 27.91 15.91 35.81
N ARG C 270 28.50 14.74 35.53
CA ARG C 270 29.53 14.16 36.41
C ARG C 270 30.73 15.11 36.59
N ASP C 271 31.48 14.95 37.68
CA ASP C 271 31.13 14.03 38.76
C ASP C 271 30.69 14.80 40.00
N LYS C 272 31.10 14.36 41.18
CA LYS C 272 30.76 15.07 42.41
C LYS C 272 31.97 15.66 43.11
N GLY C 273 33.09 15.76 42.39
CA GLY C 273 34.23 16.47 42.92
C GLY C 273 35.56 15.74 42.89
N ARG C 274 35.53 14.43 42.66
CA ARG C 274 36.77 13.66 42.61
C ARG C 274 37.69 14.22 41.54
N TYR C 275 37.16 14.35 40.32
CA TYR C 275 37.92 14.94 39.23
C TYR C 275 37.41 16.33 38.85
N GLY C 276 36.14 16.58 39.17
CA GLY C 276 35.59 17.91 38.92
C GLY C 276 35.52 18.26 37.44
N PHE C 277 36.06 19.42 37.08
CA PHE C 277 36.04 19.85 35.69
C PHE C 277 36.93 18.99 34.81
N ILE C 278 37.92 18.35 35.43
CA ILE C 278 38.90 17.56 34.69
C ILE C 278 38.44 16.10 34.66
N LEU C 279 37.24 15.87 34.16
CA LEU C 279 36.68 14.52 34.09
C LEU C 279 37.47 13.73 33.06
N PRO C 280 37.94 12.53 33.44
CA PRO C 280 38.72 11.68 32.54
C PRO C 280 37.97 11.37 31.24
N GLU C 281 38.70 11.36 30.13
CA GLU C 281 38.07 11.09 28.84
C GLU C 281 37.38 9.73 28.85
N SER C 282 37.91 8.80 29.66
CA SER C 282 37.36 7.45 29.73
C SER C 282 35.97 7.40 30.34
N GLN C 283 35.51 8.53 30.88
CA GLN C 283 34.17 8.60 31.45
C GLN C 283 33.18 9.31 30.53
N ILE C 284 33.67 9.80 29.40
CA ILE C 284 32.82 10.56 28.48
C ILE C 284 31.63 9.74 28.00
N GLN C 285 31.89 8.58 27.41
CA GLN C 285 30.80 7.77 26.84
C GLN C 285 29.72 7.47 27.87
N ALA C 286 30.11 6.99 29.04
CA ALA C 286 29.13 6.61 30.06
C ALA C 286 28.32 7.81 30.53
N THR C 287 29.01 8.94 30.72
CA THR C 287 28.34 10.16 31.15
C THR C 287 27.29 10.59 30.14
N CYS C 288 27.67 10.60 28.87
CA CYS C 288 26.75 11.02 27.82
C CYS C 288 25.59 10.05 27.64
N GLU C 289 25.88 8.75 27.73
CA GLU C 289 24.84 7.73 27.55
C GLU C 289 23.77 7.81 28.62
N GLU C 290 24.17 7.99 29.88
CA GLU C 290 23.20 8.06 30.96
C GLU C 290 22.43 9.38 30.89
N THR C 291 23.12 10.45 30.49
CA THR C 291 22.48 11.76 30.39
C THR C 291 21.43 11.74 29.27
N MET C 292 21.73 11.01 28.19
CA MET C 292 20.79 10.85 27.10
C MET C 292 19.43 10.38 27.57
N LEU C 293 19.42 9.49 28.57
CA LEU C 293 18.17 8.93 29.04
C LEU C 293 17.31 9.96 29.74
N ALA C 294 17.96 10.89 30.43
CA ALA C 294 17.23 11.94 31.14
C ALA C 294 16.67 12.92 30.13
N ILE C 295 17.48 13.29 29.16
CA ILE C 295 17.06 14.23 28.12
C ILE C 295 15.89 13.66 27.33
N LYS C 296 15.99 12.39 26.96
CA LYS C 296 14.92 11.74 26.21
C LYS C 296 13.64 11.62 27.02
N TYR C 297 13.76 11.41 28.34
CA TYR C 297 12.56 11.32 29.16
C TYR C 297 11.86 12.67 29.22
N VAL C 298 12.64 13.74 29.39
CA VAL C 298 12.06 15.08 29.41
C VAL C 298 11.42 15.39 28.07
N THR C 299 12.11 15.05 26.99
CA THR C 299 11.60 15.33 25.65
C THR C 299 10.26 14.63 25.43
N ASN C 300 10.18 13.37 25.83
CA ASN C 300 8.95 12.61 25.64
C ASN C 300 7.78 13.28 26.34
N TYR C 301 8.02 13.79 27.55
CA TYR C 301 6.97 14.47 28.30
C TYR C 301 6.55 15.76 27.61
N VAL C 302 7.54 16.57 27.23
CA VAL C 302 7.25 17.84 26.56
C VAL C 302 6.44 17.60 25.29
N LEU C 303 6.76 16.52 24.58
CA LEU C 303 6.09 16.19 23.33
C LEU C 303 4.58 16.15 23.56
N GLY C 304 4.17 15.66 24.72
CA GLY C 304 2.75 15.54 25.01
C GLY C 304 2.15 16.76 25.67
N HIS C 305 2.97 17.79 25.90
CA HIS C 305 2.52 18.97 26.60
C HIS C 305 3.05 20.24 25.94
N LEU C 306 2.99 20.28 24.61
CA LEU C 306 3.46 21.43 23.85
C LEU C 306 2.54 22.62 24.01
#